data_4X0F
#
_entry.id   4X0F
#
_cell.length_a   137.400
_cell.length_b   137.400
_cell.length_c   142.970
_cell.angle_alpha   90.00
_cell.angle_beta   90.00
_cell.angle_gamma   120.00
#
_symmetry.space_group_name_H-M   'P 32 2 1'
#
loop_
_entity.id
_entity.type
_entity.pdbx_description
1 polymer "cAMP-specific 3',5'-cyclic phosphodiesterase 4B"
2 non-polymer 'ZINC ION'
3 non-polymer 'IODIDE ION'
4 non-polymer ROLIPRAM
5 non-polymer 'MAGNESIUM ION'
#
_entity_poly.entity_id   1
_entity_poly.type   'polypeptide(L)'
_entity_poly.pdbx_seq_one_letter_code
;MAGLNDIFEAQKIEWHENLYFQGSDYKDDDDKDLVPRGSMATFPGHSQRREAFLYRSDSDYDLSPKAMSRNSSLPSEQHG
DDLIVTPFAQVLASLRSVRNNFTILTNLHGTSNKRSPAASQPPVSRVNPQEESYQKLAMETLEELDWALDQLETIQTYRS
VSEMASNKFKRMLNRELTHLSEMSRCGNQVSEYISNTFLDKQNDVEIPSPTQKDREKKKKQQLMTQISGVKKLMHSSSLN
NTSISRFGVNTENEDHLAKELEDLNKWGLNIFNVAGYSHNRPLTAIMYAIFQERDLLKTFRISSDTFITYMMTLEDHYHS
DVAYHNSLHAADVAQSTHVLLSTPALDAVFTDLEILAAIFAAAIHDVDHPGVSNQFLINTNSELALMYNDESVLENHHLA
VGFKLLQEEHADIFMNLTKKQRQTLRKMVIDMVLATDMSKHMSLLADLKTMVETKKVTSSGVLLLDNYTDRIQVLRNMVH
AADLSNPTKSLELYRQWTDRIMEEFFQQGDKERERGMEISPMADKHTACVEKSQVGFIDYIVHPLWETWADLVQPDAQDI
LDTLEDNRNWYQAMIPQAPAPPLDEQNRDAQGLMEKFQFELTLDEEDSEGPEKEGEGHSYFSSTKTLAVIDPENRDSLGE
TDIDIATEDKSPVDT
;
_entity_poly.pdbx_strand_id   A,B
#
# COMPACT_ATOMS: atom_id res chain seq x y z
N VAL A 85 -4.04 19.43 17.95
CA VAL A 85 -5.24 19.56 17.13
C VAL A 85 -4.93 19.43 15.62
N THR A 86 -5.65 18.51 14.94
CA THR A 86 -5.51 18.19 13.51
C THR A 86 -5.90 19.41 12.62
N PRO A 87 -5.38 19.47 11.38
CA PRO A 87 -5.65 20.66 10.54
C PRO A 87 -7.08 20.84 10.03
N PHE A 88 -7.67 19.86 9.29
CA PHE A 88 -9.02 19.98 8.72
C PHE A 88 -10.06 20.38 9.77
N ALA A 89 -9.92 19.85 11.01
CA ALA A 89 -10.75 20.15 12.15
C ALA A 89 -10.49 21.60 12.58
N GLN A 90 -9.21 22.01 12.60
CA GLN A 90 -8.77 23.37 12.97
C GLN A 90 -9.33 24.37 11.98
N VAL A 91 -9.36 23.99 10.67
CA VAL A 91 -9.90 24.80 9.58
C VAL A 91 -11.37 25.00 9.84
N LEU A 92 -12.15 23.90 9.85
CA LEU A 92 -13.60 23.94 10.08
C LEU A 92 -13.98 24.54 11.46
N ALA A 93 -13.03 24.61 12.41
CA ALA A 93 -13.24 25.21 13.72
C ALA A 93 -13.34 26.73 13.55
N SER A 94 -12.56 27.28 12.61
CA SER A 94 -12.55 28.71 12.29
C SER A 94 -13.60 29.03 11.23
N LEU A 95 -13.72 28.17 10.18
CA LEU A 95 -14.70 28.31 9.09
C LEU A 95 -16.14 28.34 9.61
N ARG A 96 -16.41 27.58 10.71
CA ARG A 96 -17.71 27.53 11.39
C ARG A 96 -17.95 28.71 12.30
N SER A 97 -16.89 29.35 12.86
CA SER A 97 -17.08 30.56 13.68
C SER A 97 -17.28 31.78 12.76
N VAL A 98 -16.75 31.70 11.50
CA VAL A 98 -16.86 32.70 10.43
C VAL A 98 -18.32 32.77 9.95
N ARG A 99 -18.89 31.61 9.46
CA ARG A 99 -20.28 31.48 8.98
C ARG A 99 -21.30 31.85 10.08
N ASN A 100 -21.04 31.42 11.36
CA ASN A 100 -21.91 31.71 12.51
C ASN A 100 -21.72 33.14 13.04
N ASN A 101 -21.10 34.00 12.22
CA ASN A 101 -20.87 35.42 12.48
C ASN A 101 -21.08 36.29 11.22
N PHE A 102 -20.82 35.74 10.00
CA PHE A 102 -20.99 36.40 8.68
C PHE A 102 -22.47 36.78 8.52
N THR A 103 -23.35 35.91 9.00
CA THR A 103 -24.78 36.09 9.05
C THR A 103 -25.10 37.07 10.19
N LEU A 142 -23.18 34.28 0.46
CA LEU A 142 -23.58 33.33 1.49
C LEU A 142 -23.87 31.97 0.88
N GLU A 143 -24.45 31.95 -0.34
CA GLU A 143 -24.81 30.77 -1.13
C GLU A 143 -23.59 29.91 -1.51
N GLU A 144 -22.54 30.54 -2.08
CA GLU A 144 -21.31 29.87 -2.49
C GLU A 144 -20.47 29.38 -1.30
N LEU A 145 -20.68 30.00 -0.13
CA LEU A 145 -19.99 29.60 1.10
C LEU A 145 -20.70 28.37 1.68
N ASP A 146 -22.06 28.36 1.66
CA ASP A 146 -22.91 27.26 2.15
C ASP A 146 -22.92 26.02 1.24
N TRP A 147 -22.59 26.22 -0.05
CA TRP A 147 -22.45 25.15 -1.05
C TRP A 147 -21.15 24.43 -0.76
N ALA A 148 -20.06 25.21 -0.57
CA ALA A 148 -18.73 24.69 -0.27
C ALA A 148 -18.58 24.26 1.21
N LEU A 149 -19.52 24.69 2.10
CA LEU A 149 -19.61 24.33 3.53
C LEU A 149 -19.94 22.84 3.59
N ASP A 150 -20.88 22.44 2.70
CA ASP A 150 -21.34 21.07 2.56
C ASP A 150 -20.34 20.30 1.70
N GLN A 151 -19.96 20.84 0.51
CA GLN A 151 -19.03 20.23 -0.45
C GLN A 151 -17.60 20.02 0.10
N LEU A 152 -17.19 20.73 1.18
CA LEU A 152 -15.89 20.52 1.80
C LEU A 152 -15.95 19.20 2.56
N GLU A 153 -16.94 19.08 3.47
CA GLU A 153 -17.18 17.92 4.33
C GLU A 153 -17.56 16.66 3.55
N THR A 154 -18.49 16.77 2.57
CA THR A 154 -19.02 15.65 1.78
C THR A 154 -18.00 15.06 0.82
N ILE A 155 -17.19 15.89 0.12
CA ILE A 155 -16.20 15.40 -0.83
C ILE A 155 -14.95 14.86 -0.09
N GLN A 156 -14.94 15.04 1.26
CA GLN A 156 -13.93 14.58 2.18
C GLN A 156 -14.17 13.11 2.51
N THR A 157 -13.17 12.28 2.23
CA THR A 157 -13.23 10.84 2.47
C THR A 157 -13.00 10.52 3.97
N TYR A 158 -12.09 9.57 4.23
CA TYR A 158 -11.73 9.03 5.53
C TYR A 158 -10.20 9.03 5.61
N ARG A 159 -9.51 8.85 4.44
CA ARG A 159 -8.06 8.84 4.35
C ARG A 159 -7.50 10.11 3.71
N SER A 160 -8.36 10.91 3.05
CA SER A 160 -7.93 12.21 2.51
C SER A 160 -7.74 13.15 3.72
N VAL A 161 -8.67 13.06 4.71
CA VAL A 161 -8.66 13.81 5.97
C VAL A 161 -7.38 13.43 6.75
N SER A 162 -7.11 12.11 6.86
CA SER A 162 -5.96 11.51 7.54
C SER A 162 -4.57 11.96 7.03
N GLU A 163 -4.40 12.12 5.69
CA GLU A 163 -3.08 12.49 5.16
C GLU A 163 -2.68 13.91 5.49
N MET A 164 -3.65 14.82 5.63
CA MET A 164 -3.35 16.22 5.97
C MET A 164 -2.64 16.30 7.34
N ALA A 165 -3.18 15.52 8.30
CA ALA A 165 -2.75 15.41 9.69
C ALA A 165 -1.43 14.65 9.84
N SER A 166 -1.31 13.43 9.24
CA SER A 166 -0.10 12.59 9.32
C SER A 166 1.14 13.32 8.78
N ASN A 167 0.92 14.30 7.89
CA ASN A 167 1.96 15.15 7.33
C ASN A 167 2.37 16.20 8.32
N LYS A 168 1.37 16.80 9.01
CA LYS A 168 1.56 17.84 10.03
C LYS A 168 2.48 17.33 11.16
N PHE A 169 2.25 16.06 11.62
CA PHE A 169 2.97 15.40 12.71
C PHE A 169 4.37 14.94 12.32
N LYS A 170 4.50 14.45 11.07
CA LYS A 170 5.76 13.97 10.53
C LYS A 170 6.76 15.13 10.49
N ARG A 171 6.33 16.30 9.95
CA ARG A 171 7.19 17.47 9.87
C ARG A 171 7.48 18.07 11.24
N MET A 172 6.46 18.05 12.17
CA MET A 172 6.57 18.51 13.56
C MET A 172 7.77 17.83 14.23
N LEU A 173 7.78 16.46 14.19
CA LEU A 173 8.79 15.57 14.77
C LEU A 173 10.16 15.73 14.10
N ASN A 174 10.18 15.85 12.76
CA ASN A 174 11.44 16.05 12.05
C ASN A 174 12.18 17.32 12.44
N ARG A 175 11.44 18.36 12.92
CA ARG A 175 12.01 19.61 13.43
C ARG A 175 12.77 19.29 14.74
N GLU A 176 12.05 18.62 15.70
CA GLU A 176 12.53 18.19 17.03
C GLU A 176 13.77 17.31 16.99
N LEU A 177 13.84 16.40 16.00
CA LEU A 177 14.98 15.50 15.81
C LEU A 177 16.19 16.23 15.23
N THR A 178 15.95 17.21 14.33
CA THR A 178 17.02 18.02 13.74
C THR A 178 17.73 18.74 14.86
N HIS A 179 16.94 19.26 15.82
CA HIS A 179 17.45 19.97 16.99
C HIS A 179 18.27 19.04 17.88
N LEU A 180 17.69 17.88 18.25
CA LEU A 180 18.27 16.84 19.09
C LEU A 180 19.60 16.28 18.55
N SER A 181 19.75 16.21 17.19
CA SER A 181 20.96 15.72 16.52
C SER A 181 22.16 16.62 16.81
N GLU A 182 21.91 17.96 16.85
CA GLU A 182 22.89 19.01 17.13
C GLU A 182 23.48 18.89 18.54
N MET A 183 22.65 18.43 19.52
CA MET A 183 23.02 18.25 20.95
C MET A 183 24.32 17.46 21.16
N SER A 184 24.24 16.11 21.27
CA SER A 184 25.41 15.25 21.51
C SER A 184 25.58 14.22 20.42
N ARG A 185 26.64 13.37 20.57
CA ARG A 185 26.86 12.21 19.69
C ARG A 185 25.66 11.26 19.89
N CYS A 186 25.15 11.24 21.14
CA CYS A 186 24.01 10.49 21.63
C CYS A 186 22.70 11.01 21.04
N GLY A 187 22.54 12.34 21.07
CA GLY A 187 21.39 13.07 20.55
C GLY A 187 21.21 12.83 19.08
N ASN A 188 22.32 12.57 18.39
CA ASN A 188 22.39 12.23 16.97
C ASN A 188 21.98 10.75 16.78
N GLN A 189 22.52 9.81 17.61
CA GLN A 189 22.18 8.39 17.55
C GLN A 189 20.69 8.17 17.74
N VAL A 190 20.07 8.84 18.75
CA VAL A 190 18.63 8.78 19.06
C VAL A 190 17.78 9.38 17.93
N SER A 191 18.14 10.57 17.42
CA SER A 191 17.40 11.21 16.31
C SER A 191 17.46 10.37 15.03
N GLU A 192 18.66 9.81 14.67
CA GLU A 192 18.82 8.94 13.48
C GLU A 192 17.95 7.69 13.63
N TYR A 193 17.97 7.06 14.84
CA TYR A 193 17.12 5.92 15.12
C TYR A 193 15.64 6.29 14.90
N ILE A 194 15.09 7.23 15.69
CA ILE A 194 13.69 7.67 15.59
C ILE A 194 13.30 8.03 14.15
N SER A 195 14.13 8.84 13.48
CA SER A 195 13.85 9.25 12.09
C SER A 195 13.68 8.08 11.15
N ASN A 196 14.60 7.11 11.21
CA ASN A 196 14.55 5.94 10.35
C ASN A 196 13.41 4.95 10.65
N THR A 197 12.96 4.91 11.91
CA THR A 197 11.96 3.94 12.34
C THR A 197 10.51 4.44 12.31
N PHE A 198 10.24 5.70 12.65
CA PHE A 198 8.84 6.11 12.74
C PHE A 198 8.40 7.09 11.67
N LEU A 199 9.36 7.45 10.79
CA LEU A 199 9.14 8.34 9.67
C LEU A 199 9.44 7.59 8.36
N ASP A 200 8.60 7.83 7.33
CA ASP A 200 8.70 7.22 5.99
C ASP A 200 9.96 7.67 5.17
N LYS A 201 10.31 6.83 4.15
CA LYS A 201 11.41 6.99 3.17
C LYS A 201 12.76 7.38 3.78
N SER A 245 23.00 -11.87 -30.66
CA SER A 245 22.97 -11.83 -32.13
C SER A 245 23.01 -10.36 -32.64
N ARG A 246 22.82 -10.17 -33.96
CA ARG A 246 22.76 -8.87 -34.64
C ARG A 246 21.46 -8.14 -34.22
N PHE A 247 20.36 -8.93 -34.05
CA PHE A 247 19.00 -8.51 -33.67
C PHE A 247 18.63 -8.83 -32.22
N GLY A 248 19.45 -9.66 -31.57
CA GLY A 248 19.21 -10.09 -30.19
C GLY A 248 18.59 -11.47 -30.17
N VAL A 249 17.81 -11.80 -31.22
CA VAL A 249 17.16 -13.11 -31.38
C VAL A 249 17.79 -13.89 -32.53
N ASN A 250 17.64 -15.23 -32.46
CA ASN A 250 18.15 -16.19 -33.45
C ASN A 250 17.15 -16.27 -34.62
N THR A 251 17.59 -15.87 -35.84
CA THR A 251 16.73 -15.84 -37.02
C THR A 251 17.47 -16.07 -38.39
N GLU A 252 16.73 -16.69 -39.35
CA GLU A 252 17.09 -16.96 -40.75
C GLU A 252 16.17 -16.09 -41.65
N ASN A 253 14.92 -15.81 -41.13
CA ASN A 253 13.84 -14.95 -41.63
C ASN A 253 14.50 -13.58 -41.78
N GLU A 254 15.14 -13.13 -40.68
CA GLU A 254 16.01 -11.97 -40.49
C GLU A 254 15.55 -10.68 -41.15
N ASP A 255 15.75 -10.57 -42.47
CA ASP A 255 15.44 -9.41 -43.31
C ASP A 255 14.02 -8.93 -43.16
N HIS A 256 13.08 -9.86 -42.96
CA HIS A 256 11.68 -9.56 -42.72
C HIS A 256 11.53 -8.87 -41.38
N LEU A 257 12.21 -9.40 -40.33
CA LEU A 257 12.25 -8.88 -38.97
C LEU A 257 12.77 -7.46 -39.01
N ALA A 258 13.83 -7.24 -39.77
CA ALA A 258 14.41 -5.92 -39.95
C ALA A 258 13.39 -4.94 -40.54
N LYS A 259 12.59 -5.38 -41.55
CA LYS A 259 11.57 -4.50 -42.14
C LYS A 259 10.51 -4.10 -41.09
N GLU A 260 10.07 -5.09 -40.28
CA GLU A 260 9.07 -4.85 -39.24
C GLU A 260 9.64 -3.91 -38.21
N LEU A 261 10.96 -4.01 -37.97
CA LEU A 261 11.62 -3.19 -36.97
C LEU A 261 11.88 -1.75 -37.41
N GLU A 262 11.66 -1.42 -38.72
CA GLU A 262 11.78 -0.04 -39.21
C GLU A 262 10.74 0.81 -38.44
N ASP A 263 9.63 0.15 -38.08
CA ASP A 263 8.52 0.75 -37.37
C ASP A 263 8.65 0.72 -35.84
N LEU A 264 9.85 0.51 -35.29
CA LEU A 264 10.05 0.47 -33.83
C LEU A 264 9.55 1.75 -33.09
N ASN A 265 9.76 2.92 -33.71
CA ASN A 265 9.35 4.19 -33.13
C ASN A 265 7.93 4.59 -33.59
N LYS A 266 7.30 3.72 -34.40
CA LYS A 266 5.96 3.98 -34.90
C LYS A 266 4.95 3.20 -34.07
N TRP A 267 3.81 3.83 -33.75
CA TRP A 267 2.68 3.26 -33.00
C TRP A 267 2.06 2.03 -33.68
N GLY A 268 2.17 2.00 -35.01
CA GLY A 268 1.62 0.93 -35.83
C GLY A 268 2.51 -0.27 -36.11
N LEU A 269 3.57 -0.47 -35.32
CA LEU A 269 4.42 -1.65 -35.50
C LEU A 269 3.56 -2.91 -35.28
N ASN A 270 3.73 -3.94 -36.13
CA ASN A 270 2.97 -5.19 -36.00
C ASN A 270 3.79 -6.16 -35.12
N ILE A 271 3.53 -6.15 -33.80
CA ILE A 271 4.28 -7.02 -32.88
C ILE A 271 4.12 -8.50 -33.25
N PHE A 272 2.99 -8.85 -33.88
CA PHE A 272 2.72 -10.23 -34.25
C PHE A 272 3.72 -10.72 -35.31
N ASN A 273 4.08 -9.88 -36.28
CA ASN A 273 5.09 -10.28 -37.26
C ASN A 273 6.47 -10.32 -36.63
N VAL A 274 6.75 -9.36 -35.70
CA VAL A 274 7.99 -9.34 -34.93
C VAL A 274 8.10 -10.71 -34.26
N ALA A 275 7.00 -11.23 -33.65
CA ALA A 275 6.97 -12.57 -33.04
C ALA A 275 7.28 -13.66 -34.07
N GLY A 276 6.67 -13.55 -35.25
CA GLY A 276 6.86 -14.49 -36.36
C GLY A 276 8.30 -14.60 -36.85
N TYR A 277 8.92 -13.47 -37.11
CA TYR A 277 10.29 -13.46 -37.60
C TYR A 277 11.37 -13.55 -36.50
N SER A 278 10.99 -13.87 -35.23
CA SER A 278 11.90 -13.99 -34.09
C SER A 278 11.92 -15.38 -33.44
N HIS A 279 11.14 -16.34 -33.98
CA HIS A 279 11.01 -17.70 -33.44
C HIS A 279 10.31 -17.51 -32.12
N ASN A 280 9.19 -16.81 -32.20
CA ASN A 280 8.31 -16.40 -31.13
C ASN A 280 9.06 -15.87 -29.90
N ARG A 281 9.92 -14.87 -30.14
CA ARG A 281 10.67 -14.18 -29.12
C ARG A 281 10.54 -12.68 -29.32
N PRO A 282 9.28 -12.14 -29.31
CA PRO A 282 9.11 -10.69 -29.57
C PRO A 282 9.65 -9.79 -28.46
N LEU A 283 9.61 -10.28 -27.20
CA LEU A 283 10.13 -9.51 -26.08
C LEU A 283 11.62 -9.26 -26.20
N THR A 284 12.46 -10.31 -26.40
CA THR A 284 13.91 -10.14 -26.57
C THR A 284 14.17 -9.27 -27.79
N ALA A 285 13.50 -9.61 -28.93
CA ALA A 285 13.63 -8.89 -30.21
C ALA A 285 13.37 -7.37 -30.07
N ILE A 286 12.23 -7.00 -29.46
CA ILE A 286 11.83 -5.61 -29.33
C ILE A 286 12.67 -4.86 -28.28
N MET A 287 13.03 -5.52 -27.17
CA MET A 287 13.82 -4.91 -26.10
C MET A 287 15.23 -4.56 -26.51
N TYR A 288 15.91 -5.51 -27.18
CA TYR A 288 17.24 -5.29 -27.75
C TYR A 288 17.16 -4.18 -28.76
N ALA A 289 16.11 -4.13 -29.57
CA ALA A 289 15.91 -3.08 -30.55
C ALA A 289 15.79 -1.70 -29.90
N ILE A 290 14.93 -1.59 -28.83
CA ILE A 290 14.65 -0.36 -28.09
C ILE A 290 15.95 0.15 -27.44
N PHE A 291 16.66 -0.74 -26.74
CA PHE A 291 17.91 -0.46 -26.05
C PHE A 291 19.03 -0.01 -26.98
N GLN A 292 19.04 -0.50 -28.23
CA GLN A 292 20.05 -0.07 -29.22
C GLN A 292 19.62 1.31 -29.74
N GLU A 293 18.31 1.48 -30.01
CA GLU A 293 17.73 2.73 -30.49
C GLU A 293 17.97 3.87 -29.50
N ARG A 294 17.75 3.62 -28.20
CA ARG A 294 17.92 4.62 -27.16
C ARG A 294 19.37 4.67 -26.61
N ASP A 295 20.27 3.86 -27.21
CA ASP A 295 21.68 3.72 -26.85
C ASP A 295 21.93 3.47 -25.36
N LEU A 296 20.93 2.86 -24.68
CA LEU A 296 20.90 2.54 -23.27
C LEU A 296 21.99 1.56 -22.83
N LEU A 297 22.36 0.61 -23.71
CA LEU A 297 23.41 -0.37 -23.41
C LEU A 297 24.73 0.37 -23.20
N LYS A 298 25.05 1.35 -24.09
CA LYS A 298 26.25 2.18 -23.92
C LYS A 298 26.10 3.07 -22.68
N THR A 299 24.98 3.83 -22.62
CA THR A 299 24.63 4.74 -21.52
C THR A 299 24.87 4.11 -20.17
N PHE A 300 24.28 2.94 -19.94
CA PHE A 300 24.33 2.25 -18.64
C PHE A 300 25.30 1.07 -18.54
N ARG A 301 26.32 1.05 -19.43
CA ARG A 301 27.37 0.02 -19.48
C ARG A 301 26.80 -1.41 -19.39
N ILE A 302 25.83 -1.76 -20.26
CA ILE A 302 25.20 -3.08 -20.30
C ILE A 302 25.79 -3.89 -21.46
N SER A 303 26.65 -4.89 -21.16
CA SER A 303 27.25 -5.74 -22.19
C SER A 303 26.13 -6.50 -22.87
N SER A 304 26.24 -6.71 -24.20
CA SER A 304 25.19 -7.42 -24.93
C SER A 304 24.84 -8.77 -24.32
N ASP A 305 25.85 -9.61 -23.99
CA ASP A 305 25.58 -10.92 -23.37
C ASP A 305 24.67 -10.77 -22.17
N THR A 306 25.04 -9.89 -21.21
CA THR A 306 24.24 -9.59 -20.01
C THR A 306 22.79 -9.36 -20.43
N PHE A 307 22.54 -8.35 -21.32
CA PHE A 307 21.24 -7.99 -21.82
C PHE A 307 20.47 -9.17 -22.43
N ILE A 308 20.96 -9.80 -23.51
CA ILE A 308 20.26 -10.95 -24.10
C ILE A 308 20.05 -12.05 -23.09
N THR A 309 21.05 -12.31 -22.21
CA THR A 309 20.92 -13.29 -21.13
C THR A 309 19.69 -12.98 -20.25
N TYR A 310 19.59 -11.76 -19.68
CA TYR A 310 18.45 -11.36 -18.87
C TYR A 310 17.17 -11.49 -19.66
N MET A 311 17.11 -10.80 -20.82
CA MET A 311 15.98 -10.76 -21.74
C MET A 311 15.40 -12.09 -22.09
N MET A 312 16.26 -13.10 -22.33
CA MET A 312 15.80 -14.44 -22.66
C MET A 312 15.12 -15.15 -21.49
N THR A 313 15.76 -15.13 -20.31
CA THR A 313 15.20 -15.67 -19.07
C THR A 313 13.86 -14.97 -18.75
N LEU A 314 13.81 -13.62 -18.90
CA LEU A 314 12.59 -12.87 -18.69
C LEU A 314 11.50 -13.42 -19.57
N GLU A 315 11.74 -13.45 -20.90
CA GLU A 315 10.81 -13.96 -21.89
C GLU A 315 10.36 -15.42 -21.58
N ASP A 316 11.27 -16.23 -21.01
CA ASP A 316 11.04 -17.62 -20.63
C ASP A 316 10.03 -17.75 -19.52
N HIS A 317 10.03 -16.80 -18.57
CA HIS A 317 9.10 -16.80 -17.45
C HIS A 317 7.75 -16.12 -17.78
N TYR A 318 7.47 -15.91 -19.06
CA TYR A 318 6.18 -15.44 -19.55
C TYR A 318 5.53 -16.73 -20.10
N HIS A 319 4.37 -17.14 -19.52
CA HIS A 319 3.69 -18.38 -19.93
C HIS A 319 3.34 -18.43 -21.40
N SER A 320 3.63 -19.56 -22.01
CA SER A 320 3.35 -19.81 -23.42
C SER A 320 1.91 -20.21 -23.52
N ASP A 321 1.44 -21.06 -22.55
CA ASP A 321 0.07 -21.57 -22.42
C ASP A 321 -1.01 -20.49 -22.23
N VAL A 322 -0.61 -19.30 -21.74
CA VAL A 322 -1.50 -18.16 -21.51
C VAL A 322 -1.73 -17.39 -22.85
N ALA A 323 -3.01 -17.15 -23.20
CA ALA A 323 -3.45 -16.54 -24.46
C ALA A 323 -3.12 -15.05 -24.67
N TYR A 324 -3.28 -14.21 -23.63
CA TYR A 324 -3.04 -12.78 -23.79
C TYR A 324 -1.77 -12.29 -23.03
N HIS A 325 -1.62 -12.66 -21.71
CA HIS A 325 -0.53 -12.27 -20.81
C HIS A 325 0.68 -13.13 -21.00
N ASN A 326 1.21 -13.07 -22.22
CA ASN A 326 2.38 -13.78 -22.69
C ASN A 326 3.39 -12.73 -23.10
N SER A 327 4.63 -13.14 -23.47
CA SER A 327 5.67 -12.21 -23.87
C SER A 327 5.24 -11.30 -25.01
N LEU A 328 4.26 -11.70 -25.79
CA LEU A 328 3.77 -10.86 -26.88
C LEU A 328 3.10 -9.61 -26.34
N HIS A 329 2.28 -9.73 -25.28
CA HIS A 329 1.65 -8.57 -24.62
C HIS A 329 2.73 -7.71 -23.99
N ALA A 330 3.72 -8.34 -23.31
CA ALA A 330 4.84 -7.61 -22.67
C ALA A 330 5.58 -6.80 -23.73
N ALA A 331 5.92 -7.44 -24.89
CA ALA A 331 6.59 -6.83 -26.00
C ALA A 331 5.80 -5.63 -26.50
N ASP A 332 4.45 -5.75 -26.57
CA ASP A 332 3.57 -4.66 -27.02
C ASP A 332 3.64 -3.47 -26.08
N VAL A 333 3.48 -3.71 -24.75
CA VAL A 333 3.54 -2.64 -23.76
C VAL A 333 4.94 -1.96 -23.79
N ALA A 334 6.02 -2.79 -23.89
CA ALA A 334 7.40 -2.31 -23.96
C ALA A 334 7.56 -1.34 -25.14
N GLN A 335 7.18 -1.78 -26.37
CA GLN A 335 7.27 -0.95 -27.56
C GLN A 335 6.34 0.25 -27.47
N SER A 336 5.12 0.05 -26.95
CA SER A 336 4.16 1.16 -26.81
C SER A 336 4.69 2.22 -25.87
N THR A 337 5.27 1.82 -24.72
CA THR A 337 5.91 2.73 -23.75
C THR A 337 7.05 3.47 -24.43
N HIS A 338 7.92 2.76 -25.18
CA HIS A 338 9.03 3.34 -25.94
C HIS A 338 8.51 4.49 -26.84
N VAL A 339 7.43 4.23 -27.58
CA VAL A 339 6.83 5.23 -28.47
C VAL A 339 6.26 6.41 -27.65
N LEU A 340 5.62 6.16 -26.49
CA LEU A 340 5.05 7.23 -25.67
C LEU A 340 6.11 8.13 -25.08
N LEU A 341 7.31 7.56 -24.82
CA LEU A 341 8.43 8.33 -24.28
C LEU A 341 8.96 9.32 -25.33
N SER A 342 8.81 8.97 -26.61
CA SER A 342 9.24 9.80 -27.73
C SER A 342 8.26 10.96 -28.00
N THR A 343 7.12 11.05 -27.24
CA THR A 343 6.14 12.14 -27.41
C THR A 343 6.86 13.45 -27.39
N PRO A 344 6.72 14.27 -28.46
CA PRO A 344 7.42 15.57 -28.52
C PRO A 344 7.20 16.44 -27.28
N ALA A 345 5.93 16.52 -26.79
CA ALA A 345 5.52 17.24 -25.58
C ALA A 345 6.33 16.88 -24.34
N LEU A 346 7.05 15.77 -24.38
CA LEU A 346 7.92 15.29 -23.30
C LEU A 346 9.31 15.13 -23.90
N ASP A 347 10.06 16.25 -23.95
CA ASP A 347 11.41 16.17 -24.48
C ASP A 347 12.40 15.93 -23.34
N ALA A 348 13.14 16.98 -22.90
CA ALA A 348 14.17 16.87 -21.85
C ALA A 348 13.66 16.33 -20.49
N VAL A 349 12.33 16.22 -20.36
CA VAL A 349 11.58 15.83 -19.17
C VAL A 349 12.20 14.70 -18.37
N PHE A 350 12.42 13.54 -19.04
CA PHE A 350 12.91 12.42 -18.28
C PHE A 350 14.38 12.18 -18.43
N THR A 351 15.00 11.80 -17.31
CA THR A 351 16.41 11.40 -17.22
C THR A 351 16.56 10.04 -17.90
N ASP A 352 17.80 9.68 -18.28
CA ASP A 352 18.06 8.37 -18.89
C ASP A 352 17.64 7.21 -17.99
N LEU A 353 17.88 7.33 -16.65
CA LEU A 353 17.46 6.32 -15.66
C LEU A 353 15.92 6.21 -15.58
N GLU A 354 15.20 7.35 -15.73
CA GLU A 354 13.74 7.35 -15.74
C GLU A 354 13.26 6.58 -16.97
N ILE A 355 13.90 6.81 -18.14
CA ILE A 355 13.57 6.06 -19.36
C ILE A 355 13.88 4.56 -19.15
N LEU A 356 15.08 4.25 -18.63
CA LEU A 356 15.50 2.87 -18.32
C LEU A 356 14.47 2.21 -17.40
N ALA A 357 14.05 2.91 -16.31
CA ALA A 357 13.06 2.45 -15.35
C ALA A 357 11.76 2.11 -16.05
N ALA A 358 11.25 3.05 -16.84
CA ALA A 358 9.99 2.93 -17.59
C ALA A 358 9.93 1.71 -18.53
N ILE A 359 11.00 1.52 -19.34
CA ILE A 359 11.05 0.45 -20.33
C ILE A 359 11.16 -0.89 -19.66
N PHE A 360 12.08 -1.04 -18.68
CA PHE A 360 12.25 -2.25 -17.89
C PHE A 360 10.92 -2.55 -17.15
N ALA A 361 10.25 -1.51 -16.59
CA ALA A 361 8.98 -1.65 -15.89
C ALA A 361 7.99 -2.31 -16.81
N ALA A 362 7.85 -1.79 -18.06
CA ALA A 362 6.94 -2.31 -19.08
C ALA A 362 7.23 -3.77 -19.47
N ALA A 363 8.52 -4.11 -19.69
CA ALA A 363 8.99 -5.44 -20.06
C ALA A 363 8.68 -6.50 -19.03
N ILE A 364 8.70 -6.15 -17.73
CA ILE A 364 8.45 -7.10 -16.65
C ILE A 364 7.05 -7.01 -16.02
N HIS A 365 6.27 -5.94 -16.32
CA HIS A 365 4.94 -5.62 -15.74
C HIS A 365 3.96 -6.82 -15.64
N ASP A 366 4.15 -7.87 -16.46
CA ASP A 366 3.26 -9.03 -16.43
C ASP A 366 3.98 -10.39 -16.37
N VAL A 367 5.30 -10.44 -16.06
CA VAL A 367 6.08 -11.69 -16.00
C VAL A 367 5.48 -12.72 -15.02
N ASP A 368 5.45 -14.02 -15.44
CA ASP A 368 4.90 -15.17 -14.72
C ASP A 368 3.40 -14.99 -14.43
N HIS A 369 2.67 -14.34 -15.36
CA HIS A 369 1.23 -14.15 -15.23
C HIS A 369 0.56 -15.52 -15.48
N PRO A 370 -0.28 -16.00 -14.52
CA PRO A 370 -0.89 -17.31 -14.66
C PRO A 370 -2.17 -17.35 -15.49
N GLY A 371 -2.52 -16.25 -16.16
CA GLY A 371 -3.73 -16.19 -16.98
C GLY A 371 -5.05 -16.08 -16.22
N VAL A 372 -5.00 -15.64 -14.92
CA VAL A 372 -6.19 -15.44 -14.06
C VAL A 372 -6.11 -14.10 -13.38
N SER A 373 -7.25 -13.56 -12.91
CA SER A 373 -7.32 -12.28 -12.20
C SER A 373 -6.84 -12.38 -10.74
N ASN A 374 -6.48 -11.22 -10.13
CA ASN A 374 -6.14 -11.19 -8.72
C ASN A 374 -7.40 -11.71 -7.99
N GLN A 375 -8.60 -11.24 -8.41
CA GLN A 375 -9.84 -11.65 -7.80
C GLN A 375 -9.97 -13.16 -7.74
N PHE A 376 -9.65 -13.86 -8.85
CA PHE A 376 -9.69 -15.33 -8.94
C PHE A 376 -8.74 -15.90 -7.87
N LEU A 377 -7.47 -15.42 -7.86
CA LEU A 377 -6.42 -15.84 -6.93
C LEU A 377 -6.82 -15.68 -5.48
N ILE A 378 -7.47 -14.54 -5.14
CA ILE A 378 -7.97 -14.29 -3.79
C ILE A 378 -9.05 -15.35 -3.46
N ASN A 379 -10.05 -15.47 -4.35
CA ASN A 379 -11.17 -16.39 -4.21
C ASN A 379 -10.79 -17.84 -4.06
N THR A 380 -9.79 -18.28 -4.84
CA THR A 380 -9.28 -19.65 -4.80
C THR A 380 -8.29 -19.86 -3.66
N ASN A 381 -8.06 -18.84 -2.80
CA ASN A 381 -7.14 -18.90 -1.65
C ASN A 381 -5.79 -19.43 -2.10
N SER A 382 -5.28 -18.86 -3.21
CA SER A 382 -4.01 -19.26 -3.83
C SER A 382 -2.83 -18.87 -2.99
N GLU A 383 -1.69 -19.60 -3.14
CA GLU A 383 -0.49 -19.35 -2.35
C GLU A 383 -0.02 -17.93 -2.55
N LEU A 384 -0.17 -17.46 -3.80
CA LEU A 384 0.19 -16.14 -4.25
C LEU A 384 -0.60 -15.11 -3.52
N ALA A 385 -1.93 -15.32 -3.35
CA ALA A 385 -2.81 -14.41 -2.62
C ALA A 385 -2.46 -14.38 -1.16
N LEU A 386 -2.27 -15.58 -0.61
CA LEU A 386 -1.93 -15.83 0.76
C LEU A 386 -0.64 -15.14 1.17
N MET A 387 0.35 -15.21 0.29
CA MET A 387 1.62 -14.64 0.62
C MET A 387 1.69 -13.17 0.41
N TYR A 388 0.80 -12.62 -0.42
CA TYR A 388 0.80 -11.17 -0.65
C TYR A 388 -0.37 -10.48 0.05
N ASN A 389 -1.04 -11.17 0.98
CA ASN A 389 -2.16 -10.67 1.77
C ASN A 389 -3.24 -9.95 0.93
N ASP A 390 -3.61 -10.59 -0.19
CA ASP A 390 -4.65 -10.27 -1.16
C ASP A 390 -4.51 -8.88 -1.85
N GLU A 391 -3.60 -7.99 -1.39
CA GLU A 391 -3.40 -6.69 -2.05
C GLU A 391 -2.39 -6.75 -3.22
N SER A 392 -2.81 -6.39 -4.47
CA SER A 392 -2.00 -6.35 -5.71
C SER A 392 -1.16 -7.61 -5.89
N VAL A 393 -1.80 -8.77 -5.67
CA VAL A 393 -1.22 -10.10 -5.70
C VAL A 393 -0.37 -10.39 -6.94
N LEU A 394 -0.89 -10.09 -8.12
CA LEU A 394 -0.07 -10.34 -9.30
C LEU A 394 1.03 -9.34 -9.50
N GLU A 395 0.72 -8.04 -9.36
CA GLU A 395 1.63 -6.94 -9.60
C GLU A 395 2.88 -7.09 -8.72
N ASN A 396 2.67 -7.45 -7.45
CA ASN A 396 3.75 -7.74 -6.51
C ASN A 396 4.57 -8.94 -6.97
N HIS A 397 3.88 -9.98 -7.43
CA HIS A 397 4.52 -11.17 -7.93
C HIS A 397 5.39 -10.89 -9.18
N HIS A 398 4.86 -10.13 -10.16
CA HIS A 398 5.61 -9.77 -11.38
C HIS A 398 6.93 -9.10 -11.01
N LEU A 399 6.84 -8.08 -10.14
CA LEU A 399 7.99 -7.33 -9.65
C LEU A 399 9.00 -8.27 -8.99
N ALA A 400 8.54 -9.14 -8.09
CA ALA A 400 9.39 -10.08 -7.38
C ALA A 400 10.16 -10.98 -8.35
N VAL A 401 9.50 -11.45 -9.41
CA VAL A 401 10.15 -12.30 -10.41
C VAL A 401 11.15 -11.45 -11.21
N GLY A 402 10.69 -10.34 -11.74
CA GLY A 402 11.50 -9.42 -12.54
C GLY A 402 12.85 -9.17 -11.92
N PHE A 403 12.83 -8.70 -10.67
CA PHE A 403 14.03 -8.40 -9.93
C PHE A 403 14.82 -9.64 -9.48
N LYS A 404 14.15 -10.76 -9.13
CA LYS A 404 14.89 -11.97 -8.77
C LYS A 404 15.68 -12.51 -9.97
N LEU A 405 15.13 -12.39 -11.20
CA LEU A 405 15.81 -12.89 -12.41
C LEU A 405 17.20 -12.25 -12.63
N LEU A 406 17.39 -10.99 -12.14
CA LEU A 406 18.67 -10.31 -12.23
C LEU A 406 19.72 -11.15 -11.51
N GLN A 407 19.30 -11.92 -10.51
CA GLN A 407 20.19 -12.78 -9.76
C GLN A 407 20.75 -13.97 -10.56
N GLU A 408 20.18 -14.26 -11.75
CA GLU A 408 20.71 -15.34 -12.58
C GLU A 408 22.08 -15.00 -13.14
N GLU A 409 22.95 -16.03 -13.28
CA GLU A 409 24.35 -15.92 -13.73
C GLU A 409 24.44 -15.17 -15.05
N HIS A 410 25.22 -14.05 -15.06
CA HIS A 410 25.47 -13.11 -16.18
C HIS A 410 24.25 -12.34 -16.64
N ALA A 411 23.23 -12.24 -15.80
CA ALA A 411 22.00 -11.54 -16.16
C ALA A 411 21.80 -10.17 -15.47
N ASP A 412 22.72 -9.71 -14.61
CA ASP A 412 22.44 -8.45 -13.94
C ASP A 412 22.63 -7.23 -14.85
N ILE A 413 21.55 -6.81 -15.53
CA ILE A 413 21.62 -5.66 -16.44
C ILE A 413 21.90 -4.34 -15.67
N PHE A 414 21.63 -4.35 -14.36
CA PHE A 414 21.86 -3.15 -13.54
C PHE A 414 23.19 -3.16 -12.77
N MET A 415 24.02 -4.21 -12.91
CA MET A 415 25.27 -4.29 -12.16
C MET A 415 26.23 -3.13 -12.32
N ASN A 416 26.12 -2.35 -13.40
CA ASN A 416 27.06 -1.26 -13.61
C ASN A 416 26.52 0.13 -13.25
N LEU A 417 25.39 0.16 -12.51
CA LEU A 417 24.85 1.43 -12.01
C LEU A 417 25.35 1.60 -10.57
N THR A 418 25.46 2.87 -10.12
CA THR A 418 25.87 3.23 -8.78
C THR A 418 24.78 2.71 -7.83
N LYS A 419 25.11 2.58 -6.52
CA LYS A 419 24.12 2.11 -5.52
C LYS A 419 22.89 3.03 -5.60
N LYS A 420 23.10 4.37 -5.54
CA LYS A 420 21.98 5.29 -5.60
C LYS A 420 21.15 5.10 -6.88
N GLN A 421 21.80 4.99 -8.07
CA GLN A 421 21.11 4.77 -9.35
C GLN A 421 20.19 3.52 -9.21
N ARG A 422 20.75 2.38 -8.73
CA ARG A 422 19.99 1.15 -8.55
C ARG A 422 18.86 1.38 -7.58
N GLN A 423 19.14 1.96 -6.37
CA GLN A 423 18.11 2.28 -5.36
C GLN A 423 16.93 3.03 -5.98
N THR A 424 17.21 4.11 -6.73
CA THR A 424 16.22 4.96 -7.39
C THR A 424 15.47 4.22 -8.45
N LEU A 425 16.18 3.50 -9.32
CA LEU A 425 15.55 2.71 -10.36
C LEU A 425 14.60 1.71 -9.74
N ARG A 426 15.04 0.95 -8.69
CA ARG A 426 14.19 -0.03 -8.03
C ARG A 426 12.93 0.67 -7.50
N LYS A 427 13.07 1.87 -6.89
CA LYS A 427 11.93 2.65 -6.38
C LYS A 427 10.90 2.92 -7.49
N MET A 428 11.34 3.50 -8.61
CA MET A 428 10.50 3.83 -9.77
C MET A 428 9.85 2.61 -10.40
N VAL A 429 10.63 1.52 -10.62
CA VAL A 429 10.12 0.29 -11.24
C VAL A 429 9.01 -0.30 -10.37
N ILE A 430 9.23 -0.41 -9.04
CA ILE A 430 8.18 -0.88 -8.12
C ILE A 430 6.95 0.03 -8.26
N ASP A 431 7.17 1.33 -8.16
CA ASP A 431 6.15 2.39 -8.29
C ASP A 431 5.27 2.19 -9.56
N MET A 432 5.89 2.00 -10.73
CA MET A 432 5.20 1.86 -12.01
C MET A 432 4.45 0.56 -12.20
N VAL A 433 5.06 -0.60 -11.83
CA VAL A 433 4.42 -1.92 -12.02
C VAL A 433 3.24 -2.03 -11.07
N LEU A 434 3.36 -1.46 -9.86
CA LEU A 434 2.25 -1.49 -8.91
C LEU A 434 1.05 -0.70 -9.45
N ALA A 435 1.34 0.40 -10.16
CA ALA A 435 0.33 1.19 -10.83
C ALA A 435 -0.42 0.42 -11.95
N THR A 436 0.15 -0.71 -12.50
CA THR A 436 -0.55 -1.52 -13.52
C THR A 436 -1.66 -2.42 -12.89
N ASP A 437 -2.01 -2.21 -11.58
CA ASP A 437 -3.14 -2.90 -10.96
C ASP A 437 -4.37 -2.18 -11.52
N MET A 438 -5.24 -2.92 -12.20
CA MET A 438 -6.42 -2.30 -12.80
C MET A 438 -7.32 -1.65 -11.75
N SER A 439 -7.27 -2.07 -10.47
CA SER A 439 -8.07 -1.43 -9.44
C SER A 439 -7.51 -0.03 -9.06
N LYS A 440 -6.22 0.24 -9.38
CA LYS A 440 -5.61 1.54 -9.14
C LYS A 440 -6.01 2.52 -10.27
N HIS A 441 -6.79 2.06 -11.29
CA HIS A 441 -7.22 2.87 -12.44
C HIS A 441 -7.75 4.26 -12.11
N MET A 442 -8.78 4.35 -11.26
CA MET A 442 -9.39 5.65 -10.94
C MET A 442 -8.41 6.65 -10.30
N SER A 443 -7.54 6.15 -9.42
CA SER A 443 -6.50 6.89 -8.72
C SER A 443 -5.51 7.45 -9.71
N LEU A 444 -5.07 6.61 -10.68
CA LEU A 444 -4.16 7.05 -11.72
C LEU A 444 -4.80 8.16 -12.57
N LEU A 445 -6.05 7.93 -13.01
CA LEU A 445 -6.75 8.89 -13.83
C LEU A 445 -6.92 10.23 -13.11
N ALA A 446 -7.25 10.18 -11.78
CA ALA A 446 -7.43 11.34 -10.91
C ALA A 446 -6.20 12.24 -10.95
N ASP A 447 -5.01 11.63 -10.70
CA ASP A 447 -3.70 12.29 -10.71
C ASP A 447 -3.41 12.88 -12.09
N LEU A 448 -3.71 12.11 -13.16
CA LEU A 448 -3.47 12.59 -14.51
C LEU A 448 -4.33 13.81 -14.83
N LYS A 449 -5.59 13.83 -14.35
CA LYS A 449 -6.52 14.95 -14.56
C LYS A 449 -6.04 16.20 -13.83
N THR A 450 -5.58 16.05 -12.57
CA THR A 450 -5.03 17.18 -11.80
C THR A 450 -3.76 17.73 -12.45
N MET A 451 -2.95 16.82 -13.03
CA MET A 451 -1.72 17.15 -13.72
C MET A 451 -2.01 17.99 -14.95
N VAL A 452 -3.06 17.63 -15.71
CA VAL A 452 -3.53 18.32 -16.91
C VAL A 452 -3.96 19.72 -16.49
N GLU A 453 -4.85 19.81 -15.49
CA GLU A 453 -5.41 21.06 -14.95
C GLU A 453 -4.37 22.13 -14.56
N THR A 454 -3.27 21.69 -13.98
CA THR A 454 -2.23 22.55 -13.49
C THR A 454 -0.98 22.55 -14.41
N LYS A 455 -1.08 21.93 -15.62
CA LYS A 455 0.06 21.77 -16.54
C LYS A 455 0.68 23.10 -16.94
N LYS A 456 2.02 23.13 -16.92
CA LYS A 456 2.85 24.30 -17.28
C LYS A 456 3.69 23.84 -18.48
N VAL A 457 3.65 24.60 -19.56
CA VAL A 457 4.34 24.21 -20.78
C VAL A 457 5.39 25.24 -21.19
N THR A 458 6.64 24.75 -21.33
CA THR A 458 7.81 25.50 -21.78
C THR A 458 7.65 25.82 -23.27
N SER A 459 8.34 26.89 -23.74
CA SER A 459 8.31 27.37 -25.14
C SER A 459 8.42 26.20 -26.17
N SER A 460 7.69 26.37 -27.31
CA SER A 460 7.61 25.46 -28.45
C SER A 460 6.86 24.13 -28.15
N GLY A 461 6.16 24.06 -27.00
CA GLY A 461 5.29 22.94 -26.65
C GLY A 461 5.67 21.94 -25.58
N VAL A 462 6.96 21.86 -25.21
CA VAL A 462 7.44 20.87 -24.22
C VAL A 462 6.91 21.13 -22.80
N LEU A 463 6.35 20.09 -22.18
CA LEU A 463 5.82 20.12 -20.82
C LEU A 463 6.90 20.45 -19.81
N LEU A 464 6.46 21.01 -18.68
CA LEU A 464 7.31 21.40 -17.58
C LEU A 464 6.87 20.66 -16.31
N LEU A 465 7.56 19.55 -16.06
CA LEU A 465 7.33 18.70 -14.90
C LEU A 465 8.52 18.86 -13.99
N ASP A 466 8.31 19.58 -12.86
CA ASP A 466 9.36 19.91 -11.90
C ASP A 466 9.83 18.70 -11.10
N ASN A 467 9.37 18.56 -9.84
CA ASN A 467 9.72 17.49 -8.92
C ASN A 467 9.45 16.09 -9.44
N TYR A 468 10.12 15.09 -8.83
CA TYR A 468 10.01 13.64 -9.09
C TYR A 468 8.54 13.23 -9.03
N THR A 469 7.81 13.65 -7.98
CA THR A 469 6.39 13.36 -7.76
C THR A 469 5.54 13.54 -9.01
N ASP A 470 5.73 14.65 -9.74
CA ASP A 470 5.02 14.95 -10.97
C ASP A 470 5.42 13.95 -12.05
N ARG A 471 6.73 13.78 -12.28
CA ARG A 471 7.27 12.86 -13.30
C ARG A 471 6.86 11.41 -13.09
N ILE A 472 6.81 10.94 -11.84
CA ILE A 472 6.44 9.56 -11.57
C ILE A 472 4.93 9.36 -11.86
N GLN A 473 4.08 10.39 -11.59
CA GLN A 473 2.62 10.38 -11.86
C GLN A 473 2.45 10.18 -13.36
N VAL A 474 3.21 10.93 -14.18
CA VAL A 474 3.19 10.82 -15.62
C VAL A 474 3.69 9.46 -16.07
N LEU A 475 4.84 9.01 -15.51
CA LEU A 475 5.45 7.73 -15.87
C LEU A 475 4.56 6.52 -15.55
N ARG A 476 3.86 6.55 -14.39
CA ARG A 476 3.02 5.41 -14.06
C ARG A 476 1.82 5.41 -14.87
N ASN A 477 1.32 6.60 -15.22
CA ASN A 477 0.16 6.75 -16.08
C ASN A 477 0.49 6.35 -17.50
N MET A 478 1.75 6.58 -17.92
CA MET A 478 2.26 6.26 -19.24
C MET A 478 2.27 4.75 -19.40
N VAL A 479 2.86 4.03 -18.43
CA VAL A 479 2.90 2.57 -18.50
C VAL A 479 1.46 1.99 -18.47
N HIS A 480 0.59 2.55 -17.61
CA HIS A 480 -0.82 2.14 -17.53
C HIS A 480 -1.54 2.35 -18.87
N ALA A 481 -1.33 3.54 -19.50
CA ALA A 481 -1.91 3.87 -20.80
C ALA A 481 -1.41 2.89 -21.83
N ALA A 482 -0.10 2.53 -21.78
CA ALA A 482 0.51 1.57 -22.71
C ALA A 482 -0.04 0.15 -22.52
N ASP A 483 -0.39 -0.21 -21.27
CA ASP A 483 -0.99 -1.50 -20.93
C ASP A 483 -2.45 -1.56 -21.49
N LEU A 484 -3.14 -0.39 -21.53
CA LEU A 484 -4.49 -0.28 -22.09
C LEU A 484 -4.44 0.37 -23.50
N SER A 485 -3.43 0.03 -24.31
CA SER A 485 -3.24 0.63 -25.64
C SER A 485 -4.00 -0.06 -26.79
N ASN A 486 -4.24 -1.38 -26.69
CA ASN A 486 -4.90 -2.22 -27.71
C ASN A 486 -6.03 -1.54 -28.49
N PRO A 487 -7.09 -0.95 -27.85
CA PRO A 487 -8.15 -0.32 -28.66
C PRO A 487 -7.71 0.88 -29.48
N THR A 488 -6.51 1.48 -29.15
CA THR A 488 -5.92 2.64 -29.86
C THR A 488 -4.96 2.19 -30.94
N LYS A 489 -4.79 0.87 -31.12
CA LYS A 489 -3.98 0.34 -32.21
C LYS A 489 -4.85 0.15 -33.46
N SER A 490 -4.25 -0.12 -34.64
CA SER A 490 -5.01 -0.34 -35.87
C SER A 490 -5.95 -1.53 -35.65
N LEU A 491 -7.14 -1.51 -36.32
CA LEU A 491 -8.16 -2.56 -36.16
C LEU A 491 -7.61 -3.94 -36.40
N GLU A 492 -6.71 -4.14 -37.39
CA GLU A 492 -6.08 -5.43 -37.71
C GLU A 492 -5.43 -5.99 -36.47
N LEU A 493 -4.63 -5.12 -35.75
CA LEU A 493 -3.93 -5.46 -34.50
C LEU A 493 -4.94 -5.61 -33.37
N TYR A 494 -5.72 -4.54 -33.09
CA TYR A 494 -6.75 -4.49 -32.04
C TYR A 494 -7.65 -5.72 -32.03
N ARG A 495 -8.20 -6.10 -33.20
CA ARG A 495 -9.06 -7.27 -33.37
C ARG A 495 -8.40 -8.51 -32.81
N GLN A 496 -7.10 -8.70 -33.09
CA GLN A 496 -6.34 -9.86 -32.60
C GLN A 496 -6.18 -9.85 -31.11
N TRP A 497 -6.03 -8.66 -30.52
CA TRP A 497 -5.90 -8.54 -29.07
C TRP A 497 -7.21 -8.93 -28.38
N THR A 498 -8.35 -8.59 -29.01
CA THR A 498 -9.70 -8.87 -28.53
C THR A 498 -9.93 -10.36 -28.44
N ASP A 499 -9.48 -11.09 -29.48
CA ASP A 499 -9.59 -12.55 -29.54
C ASP A 499 -8.74 -13.11 -28.44
N ARG A 500 -7.47 -12.65 -28.37
CA ARG A 500 -6.51 -13.12 -27.37
C ARG A 500 -7.02 -12.93 -25.95
N ILE A 501 -7.60 -11.74 -25.61
CA ILE A 501 -8.13 -11.43 -24.28
C ILE A 501 -9.30 -12.34 -23.93
N MET A 502 -10.23 -12.54 -24.91
CA MET A 502 -11.39 -13.41 -24.70
C MET A 502 -10.94 -14.84 -24.47
N GLU A 503 -9.97 -15.34 -25.29
CA GLU A 503 -9.48 -16.70 -25.16
C GLU A 503 -8.97 -16.96 -23.74
N GLU A 504 -8.21 -16.03 -23.19
CA GLU A 504 -7.68 -16.17 -21.85
C GLU A 504 -8.84 -16.10 -20.84
N PHE A 505 -9.78 -15.16 -21.05
CA PHE A 505 -10.95 -14.96 -20.20
C PHE A 505 -11.73 -16.21 -20.14
N PHE A 506 -11.90 -16.88 -21.28
CA PHE A 506 -12.68 -18.11 -21.40
C PHE A 506 -12.09 -19.22 -20.63
N GLN A 507 -10.78 -19.37 -20.77
CA GLN A 507 -9.91 -20.32 -20.08
C GLN A 507 -9.93 -20.04 -18.54
N GLN A 508 -10.07 -18.77 -18.14
CA GLN A 508 -10.19 -18.34 -16.75
C GLN A 508 -11.45 -18.96 -16.15
N GLY A 509 -12.50 -19.03 -16.97
CA GLY A 509 -13.79 -19.60 -16.62
C GLY A 509 -13.74 -21.12 -16.57
N ASP A 510 -12.91 -21.71 -17.42
CA ASP A 510 -12.69 -23.16 -17.45
C ASP A 510 -12.06 -23.60 -16.12
N LYS A 511 -11.28 -22.70 -15.48
CA LYS A 511 -10.66 -22.98 -14.19
C LYS A 511 -11.70 -22.86 -13.10
N GLU A 512 -12.55 -21.82 -13.19
CA GLU A 512 -13.68 -21.63 -12.29
C GLU A 512 -14.59 -22.86 -12.33
N ARG A 513 -14.89 -23.34 -13.55
CA ARG A 513 -15.74 -24.51 -13.75
C ARG A 513 -15.22 -25.70 -12.99
N GLU A 514 -13.96 -26.13 -13.22
CA GLU A 514 -13.32 -27.25 -12.52
C GLU A 514 -13.31 -27.01 -11.00
N ARG A 515 -13.42 -25.79 -10.59
CA ARG A 515 -13.37 -25.47 -9.19
C ARG A 515 -14.76 -25.37 -8.57
N GLY A 516 -15.80 -25.48 -9.41
CA GLY A 516 -17.17 -25.37 -8.96
C GLY A 516 -17.56 -23.94 -8.61
N MET A 517 -16.73 -22.98 -9.02
CA MET A 517 -16.92 -21.57 -8.79
C MET A 517 -17.88 -20.96 -9.76
N GLU A 518 -18.57 -19.90 -9.31
CA GLU A 518 -19.50 -19.16 -10.15
C GLU A 518 -18.70 -18.52 -11.27
N ILE A 519 -19.06 -18.85 -12.53
CA ILE A 519 -18.32 -18.39 -13.71
C ILE A 519 -18.33 -16.88 -13.81
N SER A 520 -17.12 -16.26 -13.91
CA SER A 520 -16.90 -14.80 -13.97
C SER A 520 -17.66 -14.11 -15.12
N PRO A 521 -17.90 -12.76 -15.08
CA PRO A 521 -18.70 -12.12 -16.13
C PRO A 521 -18.31 -12.47 -17.58
N MET A 522 -17.21 -11.93 -18.10
CA MET A 522 -16.92 -12.23 -19.50
C MET A 522 -16.31 -13.61 -19.76
N ALA A 523 -16.18 -14.47 -18.71
CA ALA A 523 -15.50 -15.76 -18.75
C ALA A 523 -16.20 -16.93 -19.50
N ASP A 524 -17.45 -16.75 -20.00
CA ASP A 524 -18.16 -17.80 -20.75
C ASP A 524 -18.54 -17.33 -22.17
N LYS A 525 -18.20 -18.16 -23.19
CA LYS A 525 -18.46 -17.89 -24.62
C LYS A 525 -19.94 -17.88 -25.00
N HIS A 526 -20.82 -18.52 -24.22
CA HIS A 526 -22.25 -18.52 -24.50
C HIS A 526 -22.84 -17.24 -24.06
N THR A 527 -22.27 -16.65 -23.02
CA THR A 527 -22.82 -15.43 -22.47
C THR A 527 -22.04 -14.16 -22.87
N ALA A 528 -20.76 -14.26 -23.28
CA ALA A 528 -19.91 -13.12 -23.66
C ALA A 528 -20.47 -12.22 -24.76
N CYS A 529 -20.45 -10.87 -24.55
CA CYS A 529 -20.91 -9.85 -25.52
C CYS A 529 -19.66 -9.26 -25.98
N VAL A 530 -18.95 -9.92 -26.91
CA VAL A 530 -17.63 -9.48 -27.32
C VAL A 530 -17.56 -8.01 -27.77
N GLU A 531 -18.44 -7.65 -28.72
CA GLU A 531 -18.53 -6.36 -29.40
C GLU A 531 -19.08 -5.29 -28.50
N LYS A 532 -20.25 -5.54 -27.86
CA LYS A 532 -20.89 -4.62 -26.91
C LYS A 532 -19.92 -4.34 -25.75
N SER A 533 -19.12 -5.37 -25.35
CA SER A 533 -18.12 -5.29 -24.27
C SER A 533 -16.98 -4.34 -24.56
N GLN A 534 -16.40 -4.40 -25.77
CA GLN A 534 -15.32 -3.51 -26.18
C GLN A 534 -15.82 -2.09 -26.17
N VAL A 535 -17.09 -1.87 -26.60
CA VAL A 535 -17.67 -0.54 -26.63
C VAL A 535 -17.86 -0.03 -25.20
N GLY A 536 -18.16 -0.94 -24.26
CA GLY A 536 -18.26 -0.59 -22.85
C GLY A 536 -16.89 -0.21 -22.29
N PHE A 537 -15.92 -1.09 -22.53
CA PHE A 537 -14.51 -0.96 -22.15
C PHE A 537 -13.91 0.35 -22.64
N ILE A 538 -14.16 0.69 -23.92
CA ILE A 538 -13.67 1.93 -24.51
C ILE A 538 -14.31 3.12 -23.83
N ASP A 539 -15.63 3.20 -23.93
CA ASP A 539 -16.43 4.30 -23.41
C ASP A 539 -16.17 4.65 -21.95
N TYR A 540 -16.10 3.62 -21.10
CA TYR A 540 -15.94 3.83 -19.66
C TYR A 540 -14.47 3.87 -19.13
N ILE A 541 -13.54 3.15 -19.79
CA ILE A 541 -12.18 3.12 -19.26
C ILE A 541 -11.13 3.66 -20.22
N VAL A 542 -11.00 3.05 -21.43
CA VAL A 542 -9.94 3.38 -22.40
C VAL A 542 -10.01 4.81 -22.91
N HIS A 543 -11.20 5.26 -23.36
CA HIS A 543 -11.37 6.60 -23.90
C HIS A 543 -11.16 7.69 -22.84
N PRO A 544 -11.78 7.63 -21.62
CA PRO A 544 -11.48 8.66 -20.61
C PRO A 544 -9.98 8.80 -20.32
N LEU A 545 -9.24 7.68 -20.22
CA LEU A 545 -7.80 7.66 -19.97
C LEU A 545 -7.00 8.34 -21.07
N TRP A 546 -7.23 7.89 -22.30
CA TRP A 546 -6.53 8.39 -23.47
C TRP A 546 -6.91 9.83 -23.79
N GLU A 547 -8.17 10.20 -23.55
CA GLU A 547 -8.68 11.56 -23.72
C GLU A 547 -7.90 12.49 -22.78
N THR A 548 -7.64 12.04 -21.53
CA THR A 548 -6.89 12.80 -20.52
C THR A 548 -5.46 12.91 -20.94
N TRP A 549 -4.82 11.77 -21.28
CA TRP A 549 -3.42 11.71 -21.76
C TRP A 549 -3.23 12.69 -22.92
N ALA A 550 -4.09 12.60 -23.94
CA ALA A 550 -4.04 13.44 -25.13
C ALA A 550 -4.13 14.91 -24.81
N ASP A 551 -4.85 15.27 -23.71
CA ASP A 551 -5.01 16.67 -23.25
C ASP A 551 -3.65 17.14 -22.72
N LEU A 552 -3.00 16.32 -21.88
CA LEU A 552 -1.71 16.59 -21.27
C LEU A 552 -0.62 16.80 -22.34
N VAL A 553 -0.59 15.98 -23.39
CA VAL A 553 0.46 16.08 -24.41
C VAL A 553 -0.05 16.66 -25.74
N GLN A 554 -1.20 17.40 -25.73
CA GLN A 554 -1.75 18.01 -26.94
C GLN A 554 -0.68 18.79 -27.71
N PRO A 555 -0.66 18.77 -29.07
CA PRO A 555 -1.59 18.13 -30.01
C PRO A 555 -1.26 16.67 -30.25
N ASP A 556 -0.09 16.20 -29.76
CA ASP A 556 0.36 14.82 -29.90
C ASP A 556 -0.74 13.96 -29.31
N ALA A 557 -0.72 12.66 -29.66
CA ALA A 557 -1.71 11.68 -29.19
C ALA A 557 -3.06 11.84 -29.88
N GLN A 558 -3.19 12.83 -30.78
CA GLN A 558 -4.45 13.03 -31.46
C GLN A 558 -4.75 11.84 -32.33
N ASP A 559 -3.71 11.35 -33.01
CA ASP A 559 -3.83 10.21 -33.89
C ASP A 559 -4.35 8.97 -33.16
N ILE A 560 -3.81 8.74 -31.93
CA ILE A 560 -4.20 7.65 -31.04
C ILE A 560 -5.71 7.74 -30.77
N LEU A 561 -6.18 8.90 -30.30
CA LEU A 561 -7.57 9.22 -29.98
C LEU A 561 -8.53 8.98 -31.14
N ASP A 562 -8.11 9.35 -32.37
CA ASP A 562 -8.85 9.19 -33.61
C ASP A 562 -9.04 7.74 -33.91
N THR A 563 -7.93 6.98 -33.86
CA THR A 563 -7.91 5.53 -34.04
C THR A 563 -8.86 4.90 -33.05
N LEU A 564 -8.74 5.24 -31.74
CA LEU A 564 -9.61 4.78 -30.66
C LEU A 564 -11.09 5.03 -31.00
N GLU A 565 -11.44 6.29 -31.30
CA GLU A 565 -12.79 6.72 -31.68
C GLU A 565 -13.34 5.87 -32.85
N ASP A 566 -12.54 5.69 -33.95
CA ASP A 566 -12.94 4.88 -35.11
C ASP A 566 -13.23 3.42 -34.77
N ASN A 567 -12.36 2.81 -33.97
CA ASN A 567 -12.47 1.42 -33.55
C ASN A 567 -13.66 1.20 -32.63
N ARG A 568 -14.00 2.22 -31.83
CA ARG A 568 -15.16 2.16 -30.96
C ARG A 568 -16.42 2.07 -31.82
N ASN A 569 -16.50 2.93 -32.86
CA ASN A 569 -17.62 2.96 -33.80
C ASN A 569 -17.70 1.67 -34.59
N TRP A 570 -16.54 1.05 -34.88
CA TRP A 570 -16.53 -0.21 -35.61
C TRP A 570 -17.11 -1.32 -34.75
N TYR A 571 -16.66 -1.43 -33.49
CA TYR A 571 -17.20 -2.46 -32.61
C TYR A 571 -18.66 -2.23 -32.31
N GLN A 572 -19.07 -0.94 -32.26
CA GLN A 572 -20.46 -0.53 -32.06
C GLN A 572 -21.32 -1.06 -33.21
N ALA A 573 -20.82 -0.91 -34.44
CA ALA A 573 -21.45 -1.39 -35.66
C ALA A 573 -21.48 -2.94 -35.78
N MET A 574 -20.77 -3.65 -34.88
CA MET A 574 -20.75 -5.12 -34.93
C MET A 574 -21.73 -5.79 -33.95
N ILE A 575 -22.28 -5.02 -32.99
CA ILE A 575 -23.25 -5.50 -32.01
C ILE A 575 -24.51 -6.04 -32.75
N PRO A 576 -24.82 -7.36 -32.58
CA PRO A 576 -25.96 -7.97 -33.31
C PRO A 576 -27.37 -7.48 -32.92
N THR B 86 -11.92 18.24 -11.15
CA THR B 86 -11.70 17.60 -9.85
C THR B 86 -12.45 18.34 -8.71
N PRO B 87 -12.77 17.72 -7.53
CA PRO B 87 -13.56 18.41 -6.50
C PRO B 87 -12.88 19.54 -5.72
N PHE B 88 -11.66 19.32 -5.17
CA PHE B 88 -10.94 20.33 -4.38
C PHE B 88 -10.65 21.60 -5.19
N ALA B 89 -10.29 21.44 -6.48
CA ALA B 89 -10.03 22.54 -7.40
C ALA B 89 -11.28 23.47 -7.45
N GLN B 90 -12.47 22.88 -7.72
CA GLN B 90 -13.78 23.55 -7.83
C GLN B 90 -14.31 24.10 -6.48
N VAL B 91 -14.03 23.41 -5.35
CA VAL B 91 -14.42 23.81 -3.98
C VAL B 91 -13.62 25.07 -3.59
N LEU B 92 -12.30 25.08 -3.94
CA LEU B 92 -11.36 26.19 -3.69
C LEU B 92 -11.74 27.41 -4.50
N ALA B 93 -12.22 27.20 -5.76
CA ALA B 93 -12.69 28.24 -6.69
C ALA B 93 -13.96 28.92 -6.17
N SER B 94 -14.85 28.13 -5.52
CA SER B 94 -16.12 28.58 -4.92
C SER B 94 -15.90 29.46 -3.69
N LEU B 95 -15.03 29.03 -2.74
CA LEU B 95 -14.69 29.77 -1.52
C LEU B 95 -13.82 31.01 -1.81
N ARG B 96 -12.95 30.92 -2.86
CA ARG B 96 -12.09 32.00 -3.33
C ARG B 96 -12.99 33.15 -3.79
N SER B 97 -14.13 32.80 -4.42
CA SER B 97 -15.16 33.73 -4.87
C SER B 97 -15.93 34.36 -3.68
N VAL B 98 -16.06 33.64 -2.54
CA VAL B 98 -16.74 34.13 -1.33
C VAL B 98 -15.90 35.26 -0.75
N ARG B 99 -14.57 35.05 -0.67
CA ARG B 99 -13.58 36.01 -0.17
C ARG B 99 -13.63 37.36 -0.97
N ASN B 100 -13.56 37.27 -2.32
CA ASN B 100 -13.58 38.39 -3.28
C ASN B 100 -14.89 39.19 -3.27
N ASN B 101 -16.01 38.52 -2.89
CA ASN B 101 -17.35 39.12 -2.86
C ASN B 101 -17.88 39.40 -1.43
N PHE B 102 -17.09 39.05 -0.39
CA PHE B 102 -17.42 39.34 1.02
C PHE B 102 -16.98 40.77 1.34
N THR B 103 -15.84 41.17 0.74
CA THR B 103 -15.27 42.50 0.86
C THR B 103 -16.21 43.53 0.21
N ILE B 104 -16.84 43.15 -0.94
CA ILE B 104 -17.84 43.94 -1.66
C ILE B 104 -19.17 43.88 -0.89
N GLU B 132 -18.62 50.86 14.49
CA GLU B 132 -17.33 50.62 15.13
C GLU B 132 -17.20 49.18 15.60
N SER B 133 -18.18 48.69 16.39
CA SER B 133 -18.22 47.31 16.89
C SER B 133 -18.38 46.35 15.72
N TYR B 134 -19.11 46.79 14.67
CA TYR B 134 -19.33 46.07 13.41
C TYR B 134 -17.98 45.89 12.71
N GLN B 135 -17.15 46.97 12.68
CA GLN B 135 -15.82 46.98 12.07
C GLN B 135 -14.94 45.90 12.70
N LYS B 136 -14.94 45.81 14.06
CA LYS B 136 -14.16 44.82 14.81
C LYS B 136 -14.58 43.41 14.42
N LEU B 137 -15.91 43.16 14.35
CA LEU B 137 -16.47 41.86 13.95
C LEU B 137 -16.16 41.54 12.50
N ALA B 138 -16.29 42.54 11.60
CA ALA B 138 -16.05 42.48 10.17
C ALA B 138 -14.62 42.11 9.84
N MET B 139 -13.67 42.86 10.42
CA MET B 139 -12.23 42.68 10.20
C MET B 139 -11.70 41.38 10.83
N GLU B 140 -12.19 41.02 12.03
CA GLU B 140 -11.78 39.80 12.73
C GLU B 140 -12.15 38.55 11.95
N THR B 141 -13.31 38.58 11.27
CA THR B 141 -13.79 37.47 10.45
C THR B 141 -13.07 37.38 9.12
N LEU B 142 -12.77 38.55 8.44
CA LEU B 142 -12.05 38.55 7.15
C LEU B 142 -10.68 37.85 7.21
N GLU B 143 -9.84 38.23 8.17
CA GLU B 143 -8.51 37.60 8.31
C GLU B 143 -8.63 36.14 8.78
N GLU B 144 -9.74 35.79 9.49
CA GLU B 144 -10.04 34.42 9.96
C GLU B 144 -10.36 33.53 8.76
N LEU B 145 -11.19 34.06 7.83
CA LEU B 145 -11.59 33.43 6.57
C LEU B 145 -10.33 33.25 5.70
N ASP B 146 -9.46 34.28 5.68
CA ASP B 146 -8.21 34.26 4.93
C ASP B 146 -7.22 33.23 5.52
N TRP B 147 -7.20 33.12 6.88
CA TRP B 147 -6.35 32.17 7.59
C TRP B 147 -6.75 30.73 7.19
N ALA B 148 -8.08 30.45 7.18
CA ALA B 148 -8.65 29.15 6.81
C ALA B 148 -8.40 28.83 5.34
N LEU B 149 -8.35 29.88 4.48
CA LEU B 149 -8.07 29.77 3.05
C LEU B 149 -6.65 29.24 2.81
N ASP B 150 -5.62 29.89 3.42
CA ASP B 150 -4.21 29.48 3.34
C ASP B 150 -4.05 28.06 3.90
N GLN B 151 -4.60 27.81 5.12
CA GLN B 151 -4.54 26.53 5.85
C GLN B 151 -5.17 25.34 5.09
N LEU B 152 -6.10 25.61 4.16
CA LEU B 152 -6.74 24.59 3.34
C LEU B 152 -5.72 24.10 2.31
N GLU B 153 -5.17 25.05 1.53
CA GLU B 153 -4.20 24.82 0.47
C GLU B 153 -2.86 24.26 0.96
N THR B 154 -2.31 24.87 2.05
CA THR B 154 -0.99 24.51 2.62
C THR B 154 -0.96 23.12 3.24
N ILE B 155 -2.01 22.72 4.00
CA ILE B 155 -2.03 21.41 4.64
C ILE B 155 -2.38 20.29 3.63
N GLN B 156 -2.59 20.67 2.37
CA GLN B 156 -2.92 19.77 1.27
C GLN B 156 -1.69 19.08 0.69
N THR B 157 -1.80 17.76 0.47
CA THR B 157 -0.78 16.88 -0.10
C THR B 157 -1.30 16.30 -1.44
N TYR B 158 -0.43 15.61 -2.21
CA TYR B 158 -0.79 15.02 -3.52
C TYR B 158 -1.91 14.00 -3.38
N ARG B 159 -1.74 13.01 -2.47
CA ARG B 159 -2.71 11.93 -2.24
C ARG B 159 -3.99 12.38 -1.52
N SER B 160 -3.99 13.57 -0.88
CA SER B 160 -5.18 14.10 -0.22
C SER B 160 -6.14 14.72 -1.26
N VAL B 161 -5.62 15.55 -2.20
CA VAL B 161 -6.40 16.18 -3.29
C VAL B 161 -6.88 15.08 -4.26
N SER B 162 -5.99 14.09 -4.56
CA SER B 162 -6.24 12.97 -5.45
C SER B 162 -7.36 12.06 -4.93
N GLU B 163 -7.36 11.74 -3.61
CA GLU B 163 -8.34 10.87 -2.96
C GLU B 163 -9.79 11.35 -3.19
N MET B 164 -10.04 12.66 -3.04
CA MET B 164 -11.36 13.26 -3.24
C MET B 164 -11.75 13.18 -4.73
N ALA B 165 -10.75 13.35 -5.64
CA ALA B 165 -10.90 13.30 -7.11
C ALA B 165 -11.20 11.90 -7.64
N SER B 166 -10.42 10.87 -7.20
CA SER B 166 -10.57 9.45 -7.55
C SER B 166 -11.93 8.95 -7.08
N ASN B 167 -12.29 9.29 -5.81
CA ASN B 167 -13.56 8.94 -5.21
C ASN B 167 -14.77 9.59 -5.91
N LYS B 168 -14.60 10.74 -6.58
CA LYS B 168 -15.74 11.31 -7.32
C LYS B 168 -15.93 10.52 -8.61
N PHE B 169 -14.82 10.22 -9.32
CA PHE B 169 -14.77 9.44 -10.55
C PHE B 169 -15.32 8.04 -10.35
N LYS B 170 -15.00 7.43 -9.19
CA LYS B 170 -15.50 6.12 -8.78
C LYS B 170 -17.03 6.15 -8.67
N ARG B 171 -17.57 7.16 -7.91
CA ARG B 171 -19.00 7.42 -7.66
C ARG B 171 -19.77 7.68 -8.96
N MET B 172 -19.20 8.53 -9.84
CA MET B 172 -19.76 8.94 -11.13
C MET B 172 -19.94 7.76 -12.07
N LEU B 173 -18.89 6.88 -12.20
CA LEU B 173 -18.93 5.69 -13.03
C LEU B 173 -19.93 4.67 -12.46
N ASN B 174 -19.96 4.49 -11.12
CA ASN B 174 -20.89 3.56 -10.50
C ASN B 174 -22.35 3.92 -10.75
N ARG B 175 -22.67 5.22 -10.96
CA ARG B 175 -24.01 5.68 -11.31
C ARG B 175 -24.35 5.17 -12.73
N GLU B 176 -23.44 5.47 -13.72
CA GLU B 176 -23.52 5.10 -15.15
C GLU B 176 -23.64 3.59 -15.35
N LEU B 177 -22.96 2.82 -14.48
CA LEU B 177 -22.93 1.36 -14.51
C LEU B 177 -24.20 0.75 -13.96
N THR B 178 -24.84 1.42 -12.98
CA THR B 178 -26.09 0.98 -12.39
C THR B 178 -27.16 1.12 -13.46
N HIS B 179 -27.10 2.22 -14.24
CA HIS B 179 -28.02 2.48 -15.33
C HIS B 179 -27.87 1.43 -16.45
N LEU B 180 -26.62 1.20 -16.92
CA LEU B 180 -26.24 0.26 -17.97
C LEU B 180 -26.65 -1.20 -17.64
N SER B 181 -26.51 -1.60 -16.35
CA SER B 181 -26.84 -2.95 -15.86
C SER B 181 -28.33 -3.24 -15.86
N GLU B 182 -29.12 -2.21 -16.20
CA GLU B 182 -30.57 -2.28 -16.26
C GLU B 182 -31.04 -2.41 -17.71
N MET B 183 -30.20 -2.02 -18.69
CA MET B 183 -30.45 -2.07 -20.12
C MET B 183 -30.72 -3.51 -20.62
N SER B 184 -29.65 -4.26 -20.98
CA SER B 184 -29.76 -5.62 -21.48
C SER B 184 -29.00 -6.59 -20.58
N ARG B 185 -29.02 -7.89 -20.91
CA ARG B 185 -28.29 -8.95 -20.20
C ARG B 185 -26.81 -8.68 -20.35
N CYS B 186 -26.45 -8.12 -21.50
CA CYS B 186 -25.13 -7.69 -21.94
C CYS B 186 -24.63 -6.50 -21.19
N GLY B 187 -25.49 -5.49 -21.02
CA GLY B 187 -25.18 -4.30 -20.26
C GLY B 187 -24.78 -4.67 -18.85
N ASN B 188 -25.52 -5.64 -18.29
CA ASN B 188 -25.26 -6.16 -16.97
C ASN B 188 -23.90 -6.85 -16.92
N GLN B 189 -23.59 -7.71 -17.93
CA GLN B 189 -22.29 -8.40 -18.01
C GLN B 189 -21.13 -7.43 -18.09
N VAL B 190 -21.24 -6.38 -18.92
CA VAL B 190 -20.24 -5.31 -19.07
C VAL B 190 -20.08 -4.49 -17.77
N SER B 191 -21.22 -4.16 -17.12
CA SER B 191 -21.23 -3.42 -15.86
C SER B 191 -20.53 -4.20 -14.77
N GLU B 192 -20.90 -5.46 -14.61
CA GLU B 192 -20.32 -6.35 -13.59
C GLU B 192 -18.82 -6.48 -13.80
N TYR B 193 -18.39 -6.70 -15.06
CA TYR B 193 -16.98 -6.76 -15.41
C TYR B 193 -16.27 -5.45 -14.97
N ILE B 194 -16.62 -4.30 -15.59
CA ILE B 194 -16.02 -2.99 -15.30
C ILE B 194 -16.01 -2.70 -13.82
N SER B 195 -17.17 -2.89 -13.13
CA SER B 195 -17.27 -2.63 -11.70
C SER B 195 -16.27 -3.41 -10.86
N ASN B 196 -16.15 -4.71 -11.13
CA ASN B 196 -15.22 -5.56 -10.39
C ASN B 196 -13.75 -5.29 -10.70
N THR B 197 -13.42 -4.83 -11.90
CA THR B 197 -12.04 -4.67 -12.32
C THR B 197 -11.46 -3.27 -12.11
N PHE B 198 -12.22 -2.19 -12.29
CA PHE B 198 -11.60 -0.87 -12.20
C PHE B 198 -12.05 -0.05 -11.00
N LEU B 199 -12.93 -0.65 -10.19
CA LEU B 199 -13.44 -0.05 -8.97
C LEU B 199 -13.03 -0.97 -7.80
N ASP B 200 -12.56 -0.37 -6.67
CA ASP B 200 -12.10 -1.12 -5.49
C ASP B 200 -13.21 -1.83 -4.69
N THR B 251 1.31 -30.13 39.24
CA THR B 251 2.72 -29.72 39.37
C THR B 251 2.85 -28.42 40.17
N GLU B 252 4.10 -28.01 40.55
CA GLU B 252 4.36 -26.77 41.30
C GLU B 252 4.33 -25.59 40.35
N ASN B 253 4.76 -25.82 39.10
CA ASN B 253 4.73 -24.80 38.08
C ASN B 253 3.28 -24.42 37.77
N GLU B 254 2.38 -25.41 37.63
CA GLU B 254 0.95 -25.19 37.31
C GLU B 254 0.19 -24.39 38.38
N ASP B 255 0.69 -24.36 39.62
CA ASP B 255 0.11 -23.60 40.70
C ASP B 255 0.51 -22.13 40.56
N HIS B 256 1.82 -21.86 40.42
CA HIS B 256 2.33 -20.50 40.24
C HIS B 256 1.78 -19.87 38.97
N LEU B 257 1.69 -20.69 37.86
CA LEU B 257 1.16 -20.27 36.57
C LEU B 257 -0.25 -19.76 36.78
N ALA B 258 -1.05 -20.53 37.53
CA ALA B 258 -2.41 -20.16 37.86
C ALA B 258 -2.45 -18.84 38.65
N LYS B 259 -1.53 -18.64 39.62
CA LYS B 259 -1.47 -17.39 40.39
C LYS B 259 -1.16 -16.19 39.47
N GLU B 260 -0.19 -16.38 38.55
CA GLU B 260 0.19 -15.34 37.60
C GLU B 260 -0.97 -15.04 36.69
N LEU B 261 -1.78 -16.06 36.37
CA LEU B 261 -2.90 -15.92 35.46
C LEU B 261 -4.12 -15.25 36.10
N GLU B 262 -4.13 -15.04 37.44
CA GLU B 262 -5.21 -14.31 38.11
C GLU B 262 -5.24 -12.90 37.52
N ASP B 263 -4.06 -12.42 37.13
CA ASP B 263 -3.83 -11.09 36.56
C ASP B 263 -4.01 -11.01 35.05
N LEU B 264 -4.67 -11.99 34.41
CA LEU B 264 -4.88 -11.99 32.96
C LEU B 264 -5.57 -10.71 32.43
N ASN B 265 -6.54 -10.18 33.18
CA ASN B 265 -7.28 -8.96 32.82
C ASN B 265 -6.61 -7.72 33.40
N LYS B 266 -5.49 -7.89 34.11
CA LYS B 266 -4.77 -6.79 34.71
C LYS B 266 -3.58 -6.42 33.84
N TRP B 267 -3.31 -5.10 33.69
CA TRP B 267 -2.20 -4.53 32.93
C TRP B 267 -0.83 -4.94 33.48
N GLY B 268 -0.79 -5.20 34.80
CA GLY B 268 0.41 -5.57 35.53
C GLY B 268 0.78 -7.04 35.57
N LEU B 269 0.19 -7.88 34.68
CA LEU B 269 0.54 -9.30 34.61
C LEU B 269 2.04 -9.43 34.28
N ASN B 270 2.77 -10.34 34.96
CA ASN B 270 4.19 -10.56 34.68
C ASN B 270 4.32 -11.68 33.63
N ILE B 271 4.40 -11.30 32.33
CA ILE B 271 4.49 -12.30 31.26
C ILE B 271 5.75 -13.20 31.43
N PHE B 272 6.81 -12.65 32.07
CA PHE B 272 8.04 -13.39 32.26
C PHE B 272 7.83 -14.59 33.18
N ASN B 273 7.02 -14.45 34.23
CA ASN B 273 6.74 -15.59 35.09
C ASN B 273 5.82 -16.57 34.38
N VAL B 274 4.86 -16.05 33.59
CA VAL B 274 3.97 -16.87 32.77
C VAL B 274 4.87 -17.76 31.90
N ALA B 275 5.93 -17.18 31.27
CA ALA B 275 6.92 -17.92 30.49
C ALA B 275 7.60 -19.00 31.34
N GLY B 276 8.04 -18.62 32.55
CA GLY B 276 8.69 -19.51 33.49
C GLY B 276 7.89 -20.72 33.89
N TYR B 277 6.64 -20.51 34.28
CA TYR B 277 5.79 -21.61 34.71
C TYR B 277 5.06 -22.33 33.57
N SER B 278 5.34 -21.96 32.31
CA SER B 278 4.69 -22.60 31.19
C SER B 278 5.68 -23.25 30.20
N HIS B 279 6.82 -23.76 30.70
CA HIS B 279 7.84 -24.42 29.87
C HIS B 279 8.29 -23.56 28.70
N ASN B 280 8.47 -22.25 28.97
CA ASN B 280 8.75 -21.19 28.02
C ASN B 280 7.79 -21.25 26.81
N ARG B 281 6.49 -21.26 27.14
CA ARG B 281 5.41 -21.24 26.17
C ARG B 281 4.40 -20.19 26.59
N PRO B 282 4.81 -18.90 26.72
CA PRO B 282 3.86 -17.88 27.20
C PRO B 282 2.75 -17.57 26.20
N LEU B 283 3.05 -17.68 24.89
CA LEU B 283 2.05 -17.41 23.86
C LEU B 283 0.90 -18.40 23.93
N THR B 284 1.16 -19.73 23.94
CA THR B 284 0.09 -20.72 24.04
C THR B 284 -0.65 -20.53 25.35
N ALA B 285 0.11 -20.40 26.47
CA ALA B 285 -0.42 -20.22 27.83
C ALA B 285 -1.40 -19.04 27.91
N ILE B 286 -0.97 -17.85 27.43
CA ILE B 286 -1.76 -16.63 27.52
C ILE B 286 -2.95 -16.62 26.54
N MET B 287 -2.78 -17.17 25.35
CA MET B 287 -3.81 -17.22 24.32
C MET B 287 -4.97 -18.12 24.70
N TYR B 288 -4.65 -19.33 25.19
CA TYR B 288 -5.65 -20.26 25.69
C TYR B 288 -6.38 -19.64 26.86
N ALA B 289 -5.66 -18.92 27.73
CA ALA B 289 -6.25 -18.24 28.86
C ALA B 289 -7.25 -17.17 28.42
N ILE B 290 -6.86 -16.33 27.43
CA ILE B 290 -7.65 -15.22 26.86
C ILE B 290 -8.93 -15.78 26.23
N PHE B 291 -8.77 -16.79 25.36
CA PHE B 291 -9.85 -17.46 24.65
C PHE B 291 -10.85 -18.15 25.57
N GLN B 292 -10.40 -18.65 26.75
CA GLN B 292 -11.32 -19.26 27.72
C GLN B 292 -12.04 -18.13 28.46
N GLU B 293 -11.30 -17.07 28.83
CA GLU B 293 -11.82 -15.89 29.51
C GLU B 293 -12.92 -15.21 28.68
N ARG B 294 -12.68 -15.03 27.36
CA ARG B 294 -13.63 -14.39 26.46
C ARG B 294 -14.64 -15.38 25.84
N ASP B 295 -14.56 -16.66 26.27
CA ASP B 295 -15.39 -17.77 25.82
C ASP B 295 -15.47 -17.93 24.29
N LEU B 296 -14.43 -17.46 23.59
CA LEU B 296 -14.25 -17.46 22.14
C LEU B 296 -14.27 -18.85 21.51
N LEU B 297 -13.72 -19.85 22.22
CA LEU B 297 -13.69 -21.24 21.73
C LEU B 297 -15.10 -21.73 21.56
N LYS B 298 -15.98 -21.47 22.57
CA LYS B 298 -17.40 -21.86 22.48
C LYS B 298 -18.07 -21.01 21.39
N THR B 299 -17.92 -19.66 21.49
CA THR B 299 -18.51 -18.67 20.56
C THR B 299 -18.29 -19.06 19.13
N PHE B 300 -17.03 -19.33 18.74
CA PHE B 300 -16.66 -19.63 17.36
C PHE B 300 -16.40 -21.11 17.04
N ARG B 301 -16.96 -22.01 17.86
CA ARG B 301 -16.86 -23.47 17.70
C ARG B 301 -15.41 -23.96 17.43
N ILE B 302 -14.45 -23.55 18.28
CA ILE B 302 -13.02 -23.91 18.16
C ILE B 302 -12.69 -25.00 19.15
N SER B 303 -12.48 -26.24 18.67
CA SER B 303 -12.12 -27.34 19.57
C SER B 303 -10.77 -27.04 20.21
N SER B 304 -10.60 -27.42 21.47
CA SER B 304 -9.33 -27.19 22.16
C SER B 304 -8.17 -27.79 21.41
N ASP B 305 -8.34 -29.06 20.99
CA ASP B 305 -7.39 -29.82 20.19
C ASP B 305 -6.87 -28.97 19.01
N THR B 306 -7.78 -28.40 18.18
CA THR B 306 -7.39 -27.55 17.05
C THR B 306 -6.65 -26.32 17.54
N PHE B 307 -7.24 -25.61 18.54
CA PHE B 307 -6.72 -24.36 19.09
C PHE B 307 -5.27 -24.44 19.50
N ILE B 308 -4.95 -25.40 20.39
CA ILE B 308 -3.60 -25.65 20.89
C ILE B 308 -2.68 -26.10 19.76
N THR B 309 -3.18 -26.92 18.82
CA THR B 309 -2.38 -27.34 17.67
C THR B 309 -1.90 -26.08 16.93
N TYR B 310 -2.83 -25.14 16.62
CA TYR B 310 -2.49 -23.89 15.95
C TYR B 310 -1.51 -23.12 16.81
N MET B 311 -1.92 -22.79 18.06
CA MET B 311 -1.14 -22.05 19.04
C MET B 311 0.28 -22.52 19.23
N MET B 312 0.48 -23.83 19.27
CA MET B 312 1.81 -24.39 19.45
C MET B 312 2.70 -24.17 18.24
N THR B 313 2.19 -24.48 17.02
CA THR B 313 2.87 -24.24 15.74
C THR B 313 3.20 -22.76 15.62
N LEU B 314 2.24 -21.87 15.97
CA LEU B 314 2.46 -20.43 15.93
C LEU B 314 3.64 -20.08 16.79
N GLU B 315 3.61 -20.47 18.08
CA GLU B 315 4.67 -20.23 19.04
C GLU B 315 6.04 -20.82 18.57
N ASP B 316 5.99 -21.93 17.82
CA ASP B 316 7.16 -22.62 17.27
C ASP B 316 7.85 -21.78 16.21
N HIS B 317 7.08 -21.04 15.40
CA HIS B 317 7.61 -20.18 14.36
C HIS B 317 8.02 -18.79 14.86
N TYR B 318 8.13 -18.61 16.18
CA TYR B 318 8.64 -17.40 16.80
C TYR B 318 10.07 -17.81 17.19
N HIS B 319 11.10 -17.11 16.65
CA HIS B 319 12.50 -17.49 16.93
C HIS B 319 12.86 -17.44 18.40
N SER B 320 13.54 -18.49 18.85
CA SER B 320 13.96 -18.63 20.23
C SER B 320 15.23 -17.83 20.37
N ASP B 321 16.13 -17.92 19.34
CA ASP B 321 17.43 -17.23 19.24
C ASP B 321 17.32 -15.69 19.26
N VAL B 322 16.15 -15.13 18.88
CA VAL B 322 15.87 -13.69 18.83
C VAL B 322 15.53 -13.18 20.24
N ALA B 323 16.22 -12.10 20.65
CA ALA B 323 16.15 -11.51 21.98
C ALA B 323 14.82 -10.84 22.40
N TYR B 324 14.21 -10.05 21.50
CA TYR B 324 12.99 -9.32 21.84
C TYR B 324 11.75 -9.85 21.11
N HIS B 325 11.84 -10.00 19.74
CA HIS B 325 10.76 -10.46 18.85
C HIS B 325 10.62 -11.98 18.84
N ASN B 326 10.32 -12.49 20.04
CA ASN B 326 10.10 -13.90 20.35
C ASN B 326 8.68 -14.02 20.85
N SER B 327 8.22 -15.26 21.08
CA SER B 327 6.86 -15.51 21.54
C SER B 327 6.53 -14.75 22.82
N LEU B 328 7.52 -14.38 23.60
CA LEU B 328 7.29 -13.62 24.81
C LEU B 328 6.75 -12.22 24.51
N HIS B 329 7.31 -11.54 23.48
CA HIS B 329 6.81 -10.25 23.03
C HIS B 329 5.40 -10.41 22.48
N ALA B 330 5.16 -11.48 21.67
CA ALA B 330 3.86 -11.76 21.07
C ALA B 330 2.82 -11.94 22.20
N ALA B 331 3.17 -12.75 23.21
CA ALA B 331 2.35 -13.01 24.37
C ALA B 331 2.01 -11.72 25.09
N ASP B 332 2.99 -10.78 25.21
CA ASP B 332 2.78 -9.48 25.85
C ASP B 332 1.77 -8.65 25.10
N VAL B 333 1.95 -8.49 23.76
CA VAL B 333 1.01 -7.74 22.92
C VAL B 333 -0.39 -8.36 22.98
N ALA B 334 -0.48 -9.72 22.90
CA ALA B 334 -1.74 -10.45 22.96
C ALA B 334 -2.47 -10.12 24.26
N GLN B 335 -1.81 -10.29 25.42
CA GLN B 335 -2.42 -9.99 26.72
C GLN B 335 -2.72 -8.49 26.85
N SER B 336 -1.80 -7.62 26.39
CA SER B 336 -2.01 -6.18 26.45
C SER B 336 -3.23 -5.76 25.63
N THR B 337 -3.39 -6.29 24.42
CA THR B 337 -4.55 -6.05 23.56
C THR B 337 -5.82 -6.53 24.28
N HIS B 338 -5.80 -7.76 24.86
CA HIS B 338 -6.90 -8.32 25.64
C HIS B 338 -7.37 -7.33 26.72
N VAL B 339 -6.41 -6.77 27.49
CA VAL B 339 -6.69 -5.81 28.53
C VAL B 339 -7.28 -4.50 27.94
N LEU B 340 -6.75 -4.03 26.79
CA LEU B 340 -7.26 -2.80 26.18
C LEU B 340 -8.67 -2.94 25.67
N LEU B 341 -9.05 -4.17 25.26
CA LEU B 341 -10.40 -4.46 24.78
C LEU B 341 -11.40 -4.36 25.92
N SER B 342 -10.95 -4.67 27.14
CA SER B 342 -11.76 -4.63 28.36
C SER B 342 -11.99 -3.18 28.86
N THR B 343 -11.38 -2.16 28.20
CA THR B 343 -11.56 -0.76 28.59
C THR B 343 -13.05 -0.49 28.70
N PRO B 344 -13.52 -0.01 29.89
CA PRO B 344 -14.96 0.26 30.08
C PRO B 344 -15.56 1.15 28.97
N ALA B 345 -14.83 2.21 28.58
CA ALA B 345 -15.19 3.17 27.52
C ALA B 345 -15.55 2.48 26.20
N LEU B 346 -15.20 1.19 26.03
CA LEU B 346 -15.50 0.45 24.80
C LEU B 346 -16.23 -0.84 25.16
N ASP B 347 -17.53 -0.73 25.53
CA ASP B 347 -18.26 -1.90 25.95
C ASP B 347 -18.80 -2.72 24.75
N ALA B 348 -20.12 -2.63 24.44
CA ALA B 348 -20.78 -3.36 23.34
C ALA B 348 -20.20 -3.01 21.96
N VAL B 349 -19.30 -2.01 21.94
CA VAL B 349 -18.59 -1.42 20.82
C VAL B 349 -18.19 -2.45 19.76
N PHE B 350 -17.35 -3.46 20.12
CA PHE B 350 -16.89 -4.45 19.13
C PHE B 350 -17.64 -5.75 19.16
N THR B 351 -17.81 -6.31 17.96
CA THR B 351 -18.45 -7.60 17.71
C THR B 351 -17.48 -8.68 18.17
N ASP B 352 -17.97 -9.89 18.43
CA ASP B 352 -17.12 -11.00 18.83
C ASP B 352 -16.03 -11.30 17.79
N LEU B 353 -16.37 -11.24 16.48
CA LEU B 353 -15.42 -11.42 15.37
C LEU B 353 -14.33 -10.32 15.37
N GLU B 354 -14.70 -9.07 15.71
CA GLU B 354 -13.75 -7.97 15.81
C GLU B 354 -12.76 -8.28 16.94
N ILE B 355 -13.27 -8.76 18.09
CA ILE B 355 -12.40 -9.15 19.22
C ILE B 355 -11.48 -10.31 18.77
N LEU B 356 -12.07 -11.35 18.14
CA LEU B 356 -11.32 -12.50 17.60
C LEU B 356 -10.22 -12.03 16.66
N ALA B 357 -10.55 -11.12 15.72
CA ALA B 357 -9.62 -10.54 14.75
C ALA B 357 -8.47 -9.88 15.48
N ALA B 358 -8.78 -8.97 16.43
CA ALA B 358 -7.81 -8.21 17.23
C ALA B 358 -6.79 -9.08 18.00
N ILE B 359 -7.28 -10.10 18.69
CA ILE B 359 -6.45 -10.96 19.53
C ILE B 359 -5.56 -11.82 18.67
N PHE B 360 -6.12 -12.48 17.64
CA PHE B 360 -5.36 -13.28 16.67
C PHE B 360 -4.31 -12.37 15.97
N ALA B 361 -4.70 -11.12 15.60
CA ALA B 361 -3.81 -10.14 14.97
C ALA B 361 -2.60 -9.96 15.85
N ALA B 362 -2.82 -9.69 17.15
CA ALA B 362 -1.75 -9.49 18.16
C ALA B 362 -0.82 -10.68 18.31
N ALA B 363 -1.40 -11.90 18.39
CA ALA B 363 -0.68 -13.16 18.55
C ALA B 363 0.25 -13.46 17.41
N ILE B 364 -0.11 -13.07 16.17
CA ILE B 364 0.70 -13.36 14.97
C ILE B 364 1.50 -12.16 14.45
N HIS B 365 1.23 -10.92 14.95
CA HIS B 365 1.83 -9.64 14.50
C HIS B 365 3.35 -9.65 14.29
N ASP B 366 4.10 -10.58 14.95
CA ASP B 366 5.55 -10.65 14.80
C ASP B 366 6.11 -12.07 14.50
N VAL B 367 5.26 -13.05 14.12
CA VAL B 367 5.67 -14.44 13.84
C VAL B 367 6.77 -14.52 12.76
N ASP B 368 7.79 -15.39 12.98
CA ASP B 368 8.97 -15.63 12.13
C ASP B 368 9.82 -14.36 11.95
N HIS B 369 9.86 -13.52 13.01
CA HIS B 369 10.68 -12.29 13.00
C HIS B 369 12.16 -12.73 13.11
N PRO B 370 13.00 -12.30 12.14
CA PRO B 370 14.40 -12.71 12.14
C PRO B 370 15.35 -11.90 13.03
N GLY B 371 14.80 -11.01 13.86
CA GLY B 371 15.56 -10.16 14.76
C GLY B 371 16.32 -9.02 14.11
N VAL B 372 15.91 -8.61 12.90
CA VAL B 372 16.48 -7.48 12.16
C VAL B 372 15.35 -6.56 11.64
N SER B 373 15.68 -5.29 11.34
CA SER B 373 14.70 -4.33 10.82
C SER B 373 14.39 -4.56 9.34
N ASN B 374 13.25 -4.01 8.87
CA ASN B 374 12.89 -4.02 7.45
C ASN B 374 14.07 -3.34 6.75
N GLN B 375 14.52 -2.17 7.31
CA GLN B 375 15.62 -1.42 6.74
C GLN B 375 16.86 -2.29 6.48
N PHE B 376 17.23 -3.14 7.47
CA PHE B 376 18.36 -4.06 7.34
C PHE B 376 18.11 -5.01 6.17
N LEU B 377 16.93 -5.64 6.13
CA LEU B 377 16.49 -6.58 5.10
C LEU B 377 16.55 -5.98 3.70
N ILE B 378 16.11 -4.72 3.56
CA ILE B 378 16.16 -3.99 2.29
C ILE B 378 17.64 -3.83 1.90
N ASN B 379 18.45 -3.27 2.82
CA ASN B 379 19.86 -3.00 2.64
C ASN B 379 20.70 -4.22 2.28
N THR B 380 20.42 -5.35 2.92
CA THR B 380 21.11 -6.61 2.67
C THR B 380 20.52 -7.35 1.44
N ASN B 381 19.56 -6.73 0.73
CA ASN B 381 18.92 -7.30 -0.48
C ASN B 381 18.44 -8.72 -0.18
N SER B 382 17.73 -8.88 0.94
CA SER B 382 17.24 -10.17 1.40
C SER B 382 16.10 -10.68 0.53
N GLU B 383 15.90 -12.03 0.50
CA GLU B 383 14.84 -12.65 -0.30
C GLU B 383 13.49 -12.10 0.07
N LEU B 384 13.31 -11.86 1.38
CA LEU B 384 12.13 -11.33 1.99
C LEU B 384 11.85 -9.96 1.46
N ALA B 385 12.88 -9.09 1.36
CA ALA B 385 12.72 -7.72 0.82
C ALA B 385 12.37 -7.77 -0.64
N LEU B 386 13.10 -8.61 -1.36
CA LEU B 386 12.95 -8.84 -2.79
C LEU B 386 11.54 -9.29 -3.15
N MET B 387 11.00 -10.20 -2.35
CA MET B 387 9.69 -10.73 -2.65
C MET B 387 8.57 -9.83 -2.21
N TYR B 388 8.80 -8.94 -1.23
CA TYR B 388 7.75 -8.00 -0.82
C TYR B 388 8.06 -6.57 -1.31
N ASN B 389 8.85 -6.45 -2.38
CA ASN B 389 9.18 -5.17 -3.02
C ASN B 389 9.46 -4.02 -2.04
N ASP B 390 10.28 -4.33 -1.05
CA ASP B 390 10.74 -3.44 -0.02
C ASP B 390 9.61 -2.72 0.76
N GLU B 391 8.34 -3.11 0.60
CA GLU B 391 7.31 -2.42 1.37
C GLU B 391 6.70 -3.28 2.44
N SER B 392 6.83 -2.85 3.75
CA SER B 392 6.30 -3.56 4.93
C SER B 392 6.71 -5.01 4.88
N VAL B 393 7.99 -5.26 4.54
CA VAL B 393 8.60 -6.58 4.34
C VAL B 393 8.33 -7.55 5.47
N LEU B 394 8.51 -7.13 6.70
CA LEU B 394 8.24 -8.07 7.77
C LEU B 394 6.77 -8.26 8.04
N GLU B 395 5.99 -7.17 8.11
CA GLU B 395 4.57 -7.18 8.45
C GLU B 395 3.81 -8.09 7.49
N ASN B 396 4.14 -8.00 6.20
CA ASN B 396 3.59 -8.87 5.16
C ASN B 396 3.98 -10.32 5.40
N HIS B 397 5.25 -10.54 5.76
CA HIS B 397 5.75 -11.86 6.04
C HIS B 397 5.06 -12.51 7.26
N HIS B 398 4.88 -11.74 8.38
CA HIS B 398 4.21 -12.24 9.59
C HIS B 398 2.80 -12.76 9.24
N LEU B 399 2.04 -11.91 8.51
CA LEU B 399 0.70 -12.22 8.08
C LEU B 399 0.68 -13.50 7.25
N ALA B 400 1.59 -13.58 6.26
CA ALA B 400 1.67 -14.74 5.37
C ALA B 400 1.90 -16.02 6.16
N VAL B 401 2.76 -15.99 7.17
CA VAL B 401 3.04 -17.16 7.99
C VAL B 401 1.80 -17.48 8.84
N GLY B 402 1.30 -16.47 9.57
CA GLY B 402 0.13 -16.60 10.42
C GLY B 402 -0.99 -17.36 9.76
N PHE B 403 -1.42 -16.87 8.58
CA PHE B 403 -2.49 -17.48 7.82
C PHE B 403 -2.11 -18.82 7.16
N LYS B 404 -0.85 -18.99 6.70
CA LYS B 404 -0.45 -20.26 6.13
C LYS B 404 -0.46 -21.37 7.21
N LEU B 405 -0.13 -21.04 8.48
CA LEU B 405 -0.11 -22.03 9.57
C LEU B 405 -1.47 -22.70 9.81
N LEU B 406 -2.58 -21.98 9.47
CA LEU B 406 -3.92 -22.52 9.57
C LEU B 406 -4.03 -23.77 8.69
N GLN B 407 -3.24 -23.80 7.61
CA GLN B 407 -3.23 -24.94 6.71
C GLN B 407 -2.66 -26.21 7.30
N GLU B 408 -1.93 -26.13 8.42
CA GLU B 408 -1.37 -27.32 9.04
C GLU B 408 -2.47 -28.25 9.60
N GLU B 409 -2.15 -29.57 9.63
CA GLU B 409 -2.93 -30.69 10.13
C GLU B 409 -3.68 -30.29 11.42
N HIS B 410 -5.03 -30.32 11.38
CA HIS B 410 -5.95 -30.00 12.50
C HIS B 410 -5.59 -28.72 13.27
N ALA B 411 -5.33 -27.65 12.53
CA ALA B 411 -4.94 -26.38 13.10
C ALA B 411 -5.83 -25.25 12.61
N ASP B 412 -6.85 -25.54 11.79
CA ASP B 412 -7.68 -24.43 11.29
C ASP B 412 -8.68 -23.90 12.35
N ILE B 413 -8.24 -22.90 13.14
CA ILE B 413 -9.10 -22.34 14.20
C ILE B 413 -10.32 -21.60 13.60
N PHE B 414 -10.23 -21.22 12.32
CA PHE B 414 -11.32 -20.52 11.68
C PHE B 414 -12.24 -21.40 10.84
N MET B 415 -12.00 -22.73 10.77
CA MET B 415 -12.81 -23.62 9.93
C MET B 415 -14.31 -23.62 10.22
N ASN B 416 -14.74 -23.18 11.40
CA ASN B 416 -16.16 -23.20 11.73
C ASN B 416 -16.87 -21.84 11.62
N LEU B 417 -16.22 -20.88 10.94
CA LEU B 417 -16.85 -19.60 10.64
C LEU B 417 -17.39 -19.66 9.21
N THR B 418 -18.43 -18.87 8.94
CA THR B 418 -19.05 -18.76 7.62
C THR B 418 -18.00 -18.14 6.68
N LYS B 419 -18.19 -18.30 5.33
CA LYS B 419 -17.24 -17.73 4.38
C LYS B 419 -17.14 -16.24 4.63
N LYS B 420 -18.29 -15.52 4.75
CA LYS B 420 -18.26 -14.09 5.00
C LYS B 420 -17.48 -13.74 6.28
N GLN B 421 -17.75 -14.48 7.38
CA GLN B 421 -17.04 -14.27 8.66
C GLN B 421 -15.52 -14.34 8.43
N ARG B 422 -15.05 -15.45 7.77
CA ARG B 422 -13.64 -15.64 7.46
C ARG B 422 -13.13 -14.51 6.59
N GLN B 423 -13.84 -14.18 5.46
CA GLN B 423 -13.49 -13.06 4.57
C GLN B 423 -13.24 -11.77 5.35
N THR B 424 -14.19 -11.39 6.23
CA THR B 424 -14.13 -10.19 7.04
C THR B 424 -13.00 -10.23 8.04
N LEU B 425 -12.87 -11.37 8.76
CA LEU B 425 -11.80 -11.53 9.72
C LEU B 425 -10.46 -11.38 9.02
N ARG B 426 -10.26 -12.04 7.84
CA ARG B 426 -9.00 -11.93 7.10
C ARG B 426 -8.74 -10.48 6.75
N LYS B 427 -9.78 -9.71 6.31
CA LYS B 427 -9.64 -8.29 5.98
C LYS B 427 -9.10 -7.49 7.18
N MET B 428 -9.75 -7.62 8.36
CA MET B 428 -9.36 -6.94 9.59
C MET B 428 -7.97 -7.33 10.09
N VAL B 429 -7.65 -8.63 10.11
CA VAL B 429 -6.35 -9.12 10.57
C VAL B 429 -5.25 -8.54 9.69
N ILE B 430 -5.38 -8.61 8.35
CA ILE B 430 -4.40 -8.00 7.44
C ILE B 430 -4.27 -6.50 7.76
N ASP B 431 -5.41 -5.80 7.85
CA ASP B 431 -5.52 -4.39 8.19
C ASP B 431 -4.71 -4.03 9.44
N MET B 432 -4.89 -4.79 10.54
CA MET B 432 -4.24 -4.53 11.83
C MET B 432 -2.75 -4.83 11.87
N VAL B 433 -2.32 -5.98 11.32
CA VAL B 433 -0.90 -6.38 11.36
C VAL B 433 -0.10 -5.43 10.49
N LEU B 434 -0.68 -4.99 9.35
CA LEU B 434 0.02 -4.04 8.47
C LEU B 434 0.23 -2.71 9.18
N ALA B 435 -0.73 -2.31 10.02
CA ALA B 435 -0.63 -1.13 10.87
C ALA B 435 0.51 -1.22 11.91
N THR B 436 1.03 -2.45 12.24
CA THR B 436 2.15 -2.56 13.19
C THR B 436 3.51 -2.22 12.52
N ASP B 437 3.50 -1.67 11.27
CA ASP B 437 4.73 -1.15 10.63
C ASP B 437 5.01 0.16 11.35
N MET B 438 6.17 0.25 11.99
CA MET B 438 6.52 1.46 12.73
C MET B 438 6.54 2.70 11.83
N SER B 439 6.75 2.55 10.51
CA SER B 439 6.71 3.71 9.61
C SER B 439 5.26 4.25 9.41
N LYS B 440 4.25 3.40 9.66
CA LYS B 440 2.84 3.79 9.59
C LYS B 440 2.41 4.57 10.88
N HIS B 441 3.35 4.72 11.86
CA HIS B 441 3.10 5.41 13.15
C HIS B 441 2.37 6.74 13.07
N MET B 442 2.89 7.69 12.30
CA MET B 442 2.28 9.02 12.20
C MET B 442 0.85 9.01 11.69
N SER B 443 0.60 8.14 10.68
CA SER B 443 -0.70 7.91 10.04
C SER B 443 -1.69 7.38 11.06
N LEU B 444 -1.27 6.41 11.88
CA LEU B 444 -2.12 5.86 12.94
C LEU B 444 -2.47 6.94 13.97
N LEU B 445 -1.44 7.69 14.45
CA LEU B 445 -1.61 8.78 15.41
C LEU B 445 -2.52 9.92 14.89
N ALA B 446 -2.48 10.17 13.56
CA ALA B 446 -3.31 11.16 12.89
C ALA B 446 -4.80 10.78 13.00
N ASP B 447 -5.13 9.54 12.60
CA ASP B 447 -6.47 8.96 12.64
C ASP B 447 -7.01 8.94 14.05
N LEU B 448 -6.16 8.53 15.03
CA LEU B 448 -6.57 8.48 16.42
C LEU B 448 -6.91 9.87 16.95
N LYS B 449 -6.14 10.91 16.55
CA LYS B 449 -6.38 12.29 16.97
C LYS B 449 -7.69 12.83 16.41
N THR B 450 -7.97 12.55 15.11
CA THR B 450 -9.22 12.95 14.46
C THR B 450 -10.42 12.24 15.11
N MET B 451 -10.20 10.99 15.53
CA MET B 451 -11.21 10.17 16.19
C MET B 451 -11.60 10.77 17.54
N VAL B 452 -10.61 11.30 18.31
CA VAL B 452 -10.79 11.93 19.63
C VAL B 452 -11.60 13.21 19.43
N GLU B 453 -11.18 14.02 18.43
CA GLU B 453 -11.79 15.30 18.05
C GLU B 453 -13.29 15.19 17.71
N THR B 454 -13.67 14.10 17.03
CA THR B 454 -15.05 13.84 16.65
C THR B 454 -15.62 12.67 17.46
N LYS B 455 -15.13 12.47 18.72
CA LYS B 455 -15.66 11.39 19.56
C LYS B 455 -17.03 11.74 20.11
N LYS B 456 -17.94 10.77 20.02
CA LYS B 456 -19.32 10.83 20.50
C LYS B 456 -19.44 9.76 21.56
N VAL B 457 -19.92 10.11 22.75
CA VAL B 457 -20.00 9.18 23.85
C VAL B 457 -21.43 9.00 24.33
N THR B 458 -21.89 7.74 24.31
CA THR B 458 -23.21 7.31 24.79
C THR B 458 -23.24 7.41 26.33
N SER B 459 -24.45 7.49 26.92
CA SER B 459 -24.68 7.57 28.36
C SER B 459 -23.82 6.57 29.17
N SER B 460 -23.41 7.02 30.38
CA SER B 460 -22.57 6.31 31.36
C SER B 460 -21.09 6.13 30.93
N GLY B 461 -20.68 6.82 29.85
CA GLY B 461 -19.30 6.84 29.41
C GLY B 461 -18.84 6.05 28.19
N VAL B 462 -19.60 5.02 27.75
CA VAL B 462 -19.22 4.18 26.61
C VAL B 462 -19.22 4.95 25.27
N LEU B 463 -18.11 4.82 24.51
CA LEU B 463 -17.89 5.43 23.20
C LEU B 463 -18.91 4.98 22.18
N LEU B 464 -19.13 5.83 21.18
CA LEU B 464 -20.06 5.60 20.09
C LEU B 464 -19.32 5.63 18.76
N LEU B 465 -18.94 4.44 18.29
CA LEU B 465 -18.23 4.24 17.04
C LEU B 465 -19.20 3.58 16.08
N ASP B 466 -19.68 4.35 15.09
CA ASP B 466 -20.68 3.84 14.15
C ASP B 466 -20.13 2.81 13.15
N ASN B 467 -19.82 3.24 11.92
CA ASN B 467 -19.31 2.42 10.83
C ASN B 467 -18.03 1.66 11.16
N TYR B 468 -17.75 0.59 10.37
CA TYR B 468 -16.56 -0.27 10.42
C TYR B 468 -15.29 0.59 10.40
N THR B 469 -15.22 1.55 9.47
CA THR B 469 -14.10 2.47 9.28
C THR B 469 -13.59 3.05 10.59
N ASP B 470 -14.50 3.52 11.45
CA ASP B 470 -14.18 4.08 12.76
C ASP B 470 -13.59 3.01 13.67
N ARG B 471 -14.30 1.87 13.80
CA ARG B 471 -13.87 0.76 14.64
C ARG B 471 -12.53 0.16 14.25
N ILE B 472 -12.23 0.05 12.95
CA ILE B 472 -10.95 -0.51 12.52
C ILE B 472 -9.81 0.47 12.85
N GLN B 473 -10.07 1.82 12.79
CA GLN B 473 -9.09 2.86 13.12
C GLN B 473 -8.70 2.68 14.59
N VAL B 474 -9.71 2.47 15.46
CA VAL B 474 -9.51 2.23 16.88
C VAL B 474 -8.75 0.91 17.09
N LEU B 475 -9.20 -0.17 16.42
CA LEU B 475 -8.61 -1.49 16.56
C LEU B 475 -7.14 -1.55 16.12
N ARG B 476 -6.80 -0.95 14.97
CA ARG B 476 -5.42 -1.01 14.53
C ARG B 476 -4.56 -0.16 15.42
N ASN B 477 -5.11 0.96 15.98
CA ASN B 477 -4.41 1.83 16.94
C ASN B 477 -4.21 1.16 18.27
N MET B 478 -5.18 0.31 18.64
CA MET B 478 -5.16 -0.47 19.85
C MET B 478 -4.02 -1.48 19.78
N VAL B 479 -3.92 -2.25 18.69
CA VAL B 479 -2.84 -3.21 18.52
C VAL B 479 -1.49 -2.49 18.49
N HIS B 480 -1.39 -1.37 17.77
CA HIS B 480 -0.17 -0.57 17.71
C HIS B 480 0.24 -0.07 19.10
N ALA B 481 -0.74 0.47 19.88
CA ALA B 481 -0.52 0.94 21.25
C ALA B 481 -0.02 -0.21 22.12
N ALA B 482 -0.61 -1.42 21.94
CA ALA B 482 -0.22 -2.62 22.68
C ALA B 482 1.19 -3.08 22.31
N ASP B 483 1.61 -2.88 21.05
CA ASP B 483 2.94 -3.22 20.56
C ASP B 483 3.97 -2.25 21.20
N LEU B 484 3.55 -0.98 21.44
CA LEU B 484 4.40 0.03 22.08
C LEU B 484 3.99 0.22 23.56
N SER B 485 3.65 -0.87 24.26
CA SER B 485 3.18 -0.79 25.64
C SER B 485 4.28 -0.82 26.71
N ASN B 486 5.43 -1.46 26.43
CA ASN B 486 6.55 -1.65 27.36
C ASN B 486 6.85 -0.47 28.30
N PRO B 487 7.05 0.79 27.81
CA PRO B 487 7.35 1.89 28.75
C PRO B 487 6.23 2.23 29.73
N THR B 488 4.98 1.80 29.45
CA THR B 488 3.81 2.03 30.29
C THR B 488 3.66 0.93 31.31
N LYS B 489 4.42 -0.18 31.17
CA LYS B 489 4.38 -1.29 32.13
C LYS B 489 5.21 -0.92 33.39
N SER B 490 5.11 -1.70 34.49
CA SER B 490 5.88 -1.44 35.70
C SER B 490 7.37 -1.46 35.37
N LEU B 491 8.18 -0.65 36.08
CA LEU B 491 9.62 -0.55 35.84
C LEU B 491 10.33 -1.90 35.84
N GLU B 492 9.95 -2.82 36.76
CA GLU B 492 10.53 -4.17 36.86
C GLU B 492 10.42 -4.87 35.50
N LEU B 493 9.20 -4.80 34.87
CA LEU B 493 8.89 -5.38 33.56
C LEU B 493 9.58 -4.57 32.47
N TYR B 494 9.28 -3.25 32.39
CA TYR B 494 9.82 -2.30 31.41
C TYR B 494 11.34 -2.42 31.27
N ARG B 495 12.08 -2.41 32.39
CA ARG B 495 13.54 -2.55 32.43
C ARG B 495 13.99 -3.78 31.68
N GLN B 496 13.29 -4.92 31.85
CA GLN B 496 13.63 -6.17 31.17
C GLN B 496 13.40 -6.08 29.67
N TRP B 497 12.36 -5.33 29.26
CA TRP B 497 12.07 -5.16 27.84
C TRP B 497 13.19 -4.35 27.17
N THR B 498 13.74 -3.36 27.91
CA THR B 498 14.81 -2.47 27.46
C THR B 498 16.08 -3.26 27.19
N ASP B 499 16.40 -4.22 28.08
CA ASP B 499 17.57 -5.07 27.92
C ASP B 499 17.35 -5.94 26.71
N ARG B 500 16.17 -6.58 26.64
CA ARG B 500 15.80 -7.44 25.53
C ARG B 500 15.90 -6.75 24.18
N ILE B 501 15.36 -5.50 24.06
CA ILE B 501 15.39 -4.72 22.81
C ILE B 501 16.82 -4.37 22.41
N MET B 502 17.66 -4.00 23.39
CA MET B 502 19.05 -3.65 23.16
C MET B 502 19.83 -4.84 22.70
N GLU B 503 19.61 -5.99 23.35
CA GLU B 503 20.30 -7.22 22.98
C GLU B 503 20.05 -7.54 21.52
N GLU B 504 18.79 -7.39 21.07
CA GLU B 504 18.41 -7.63 19.68
C GLU B 504 19.03 -6.64 18.75
N PHE B 505 19.08 -5.38 19.19
CA PHE B 505 19.68 -4.28 18.43
C PHE B 505 21.16 -4.55 18.21
N PHE B 506 21.84 -5.03 19.25
CA PHE B 506 23.27 -5.32 19.21
C PHE B 506 23.60 -6.52 18.34
N GLN B 507 22.68 -7.51 18.28
CA GLN B 507 22.83 -8.70 17.44
C GLN B 507 22.80 -8.27 15.96
N GLN B 508 21.91 -7.30 15.60
CA GLN B 508 21.82 -6.75 14.25
C GLN B 508 23.11 -6.03 13.90
N GLY B 509 23.67 -5.30 14.87
CA GLY B 509 24.94 -4.60 14.71
C GLY B 509 26.06 -5.54 14.35
N ASP B 510 26.13 -6.70 15.03
CA ASP B 510 27.11 -7.73 14.76
C ASP B 510 26.92 -8.27 13.36
N LYS B 511 25.63 -8.45 12.92
CA LYS B 511 25.27 -8.87 11.56
C LYS B 511 25.81 -7.84 10.55
N GLU B 512 25.73 -6.54 10.86
CA GLU B 512 26.25 -5.48 9.99
C GLU B 512 27.76 -5.38 10.00
N ARG B 513 28.41 -5.69 11.14
CA ARG B 513 29.87 -5.58 11.28
C ARG B 513 30.55 -6.54 10.32
N GLU B 514 30.22 -7.85 10.39
CA GLU B 514 30.81 -8.81 9.45
C GLU B 514 30.30 -8.58 8.02
N ARG B 515 29.03 -8.05 7.81
CA ARG B 515 28.55 -7.70 6.45
C ARG B 515 29.32 -6.49 5.89
N GLY B 516 30.14 -5.87 6.75
CA GLY B 516 30.94 -4.70 6.43
C GLY B 516 30.09 -3.47 6.22
N MET B 517 28.84 -3.51 6.70
CA MET B 517 27.89 -2.41 6.58
C MET B 517 28.12 -1.40 7.66
N GLU B 518 27.82 -0.13 7.36
CA GLU B 518 27.93 0.92 8.35
C GLU B 518 26.86 0.67 9.40
N ILE B 519 27.34 0.46 10.65
CA ILE B 519 26.56 0.15 11.84
C ILE B 519 25.30 1.01 11.94
N SER B 520 24.18 0.37 12.22
CA SER B 520 22.89 1.01 12.35
C SER B 520 22.83 1.87 13.62
N PRO B 521 22.08 3.00 13.62
CA PRO B 521 22.01 3.83 14.84
C PRO B 521 21.44 2.99 15.96
N MET B 522 22.19 2.87 17.08
CA MET B 522 21.89 2.10 18.31
C MET B 522 22.47 0.70 18.32
N ALA B 523 22.70 0.08 17.15
CA ALA B 523 23.17 -1.30 16.99
C ALA B 523 24.57 -1.62 17.58
N ASP B 524 25.42 -0.64 17.92
CA ASP B 524 26.69 -1.05 18.52
C ASP B 524 26.69 -0.83 20.02
N LYS B 525 26.84 -1.96 20.76
CA LYS B 525 26.92 -2.02 22.22
C LYS B 525 28.03 -1.11 22.74
N HIS B 526 29.06 -0.89 21.88
CA HIS B 526 30.23 -0.04 22.10
C HIS B 526 29.87 1.43 22.09
N THR B 527 28.84 1.80 21.35
CA THR B 527 28.45 3.19 21.15
C THR B 527 27.09 3.59 21.75
N ALA B 528 26.21 2.58 22.07
CA ALA B 528 24.85 2.75 22.59
C ALA B 528 24.72 3.63 23.84
N CYS B 529 23.62 4.44 23.91
CA CYS B 529 23.35 5.37 25.03
C CYS B 529 22.14 4.99 25.92
N VAL B 530 21.26 4.10 25.44
CA VAL B 530 20.11 3.46 26.12
C VAL B 530 19.22 4.41 26.98
N GLU B 531 19.64 4.79 28.22
CA GLU B 531 18.82 5.62 29.13
C GLU B 531 18.30 6.86 28.44
N LYS B 532 19.21 7.63 27.83
CA LYS B 532 18.89 8.84 27.04
C LYS B 532 17.93 8.46 25.89
N SER B 533 18.11 7.24 25.31
CA SER B 533 17.33 6.71 24.22
C SER B 533 15.88 6.44 24.57
N GLN B 534 15.65 5.81 25.73
CA GLN B 534 14.29 5.52 26.21
C GLN B 534 13.55 6.82 26.43
N VAL B 535 14.26 7.83 26.96
CA VAL B 535 13.65 9.14 27.21
C VAL B 535 13.28 9.80 25.87
N GLY B 536 14.09 9.57 24.83
CA GLY B 536 13.77 10.07 23.48
C GLY B 536 12.54 9.37 22.94
N PHE B 537 12.57 8.02 23.00
CA PHE B 537 11.53 7.11 22.57
C PHE B 537 10.19 7.45 23.21
N ILE B 538 10.19 7.69 24.54
CA ILE B 538 8.97 8.03 25.28
C ILE B 538 8.46 9.37 24.81
N ASP B 539 9.27 10.41 25.00
CA ASP B 539 8.94 11.79 24.71
C ASP B 539 8.39 12.03 23.30
N TYR B 540 9.03 11.44 22.28
CA TYR B 540 8.65 11.66 20.89
C TYR B 540 7.63 10.64 20.30
N ILE B 541 7.60 9.39 20.78
CA ILE B 541 6.70 8.40 20.17
C ILE B 541 5.67 7.82 21.16
N VAL B 542 6.15 7.18 22.24
CA VAL B 542 5.28 6.46 23.20
C VAL B 542 4.28 7.35 23.91
N HIS B 543 4.76 8.48 24.48
CA HIS B 543 3.91 9.41 25.21
C HIS B 543 2.86 10.08 24.31
N PRO B 544 3.22 10.67 23.13
CA PRO B 544 2.19 11.23 22.24
C PRO B 544 1.06 10.24 21.92
N LEU B 545 1.42 8.97 21.62
CA LEU B 545 0.46 7.91 21.30
C LEU B 545 -0.49 7.60 22.45
N TRP B 546 0.08 7.32 23.61
CA TRP B 546 -0.66 6.96 24.81
C TRP B 546 -1.47 8.12 25.35
N GLU B 547 -0.95 9.36 25.24
CA GLU B 547 -1.62 10.61 25.61
C GLU B 547 -2.91 10.72 24.78
N THR B 548 -2.84 10.40 23.48
CA THR B 548 -3.98 10.45 22.57
C THR B 548 -4.98 9.37 22.95
N TRP B 549 -4.50 8.11 23.08
CA TRP B 549 -5.34 6.97 23.47
C TRP B 549 -6.11 7.28 24.74
N ALA B 550 -5.40 7.74 25.79
CA ALA B 550 -5.98 8.09 27.08
C ALA B 550 -7.07 9.14 26.99
N ASP B 551 -6.96 10.07 25.99
CA ASP B 551 -7.96 11.11 25.72
C ASP B 551 -9.23 10.45 25.20
N LEU B 552 -9.09 9.54 24.22
CA LEU B 552 -10.19 8.81 23.59
C LEU B 552 -10.96 7.96 24.60
N VAL B 553 -10.22 7.27 25.51
CA VAL B 553 -10.77 6.35 26.52
C VAL B 553 -10.88 6.97 27.94
N GLN B 554 -10.78 8.32 28.08
CA GLN B 554 -10.86 9.00 29.37
C GLN B 554 -12.13 8.59 30.17
N PRO B 555 -12.06 8.38 31.50
CA PRO B 555 -10.93 8.57 32.41
C PRO B 555 -10.00 7.37 32.51
N ASP B 556 -10.43 6.21 31.96
CA ASP B 556 -9.65 4.96 31.96
C ASP B 556 -8.28 5.23 31.34
N ALA B 557 -7.28 4.36 31.65
CA ALA B 557 -5.90 4.48 31.15
C ALA B 557 -5.15 5.70 31.71
N GLN B 558 -5.75 6.41 32.69
CA GLN B 558 -5.07 7.51 33.34
C GLN B 558 -3.86 6.93 34.05
N ASP B 559 -4.03 5.77 34.69
CA ASP B 559 -2.95 5.08 35.36
C ASP B 559 -1.83 4.69 34.38
N ILE B 560 -2.17 4.07 33.23
CA ILE B 560 -1.18 3.66 32.23
C ILE B 560 -0.22 4.85 31.92
N LEU B 561 -0.78 6.07 31.83
CA LEU B 561 -0.03 7.28 31.56
C LEU B 561 0.89 7.70 32.68
N ASP B 562 0.38 7.75 33.94
CA ASP B 562 1.15 8.11 35.13
C ASP B 562 2.38 7.21 35.29
N THR B 563 2.18 5.88 35.06
CA THR B 563 3.18 4.81 35.09
C THR B 563 4.25 5.12 34.03
N LEU B 564 3.82 5.51 32.80
CA LEU B 564 4.72 5.86 31.72
C LEU B 564 5.54 7.09 32.14
N GLU B 565 4.85 8.20 32.48
CA GLU B 565 5.45 9.47 32.95
C GLU B 565 6.53 9.21 34.02
N ASP B 566 6.22 8.38 35.04
CA ASP B 566 7.17 8.01 36.12
C ASP B 566 8.43 7.33 35.60
N ASN B 567 8.25 6.37 34.67
CA ASN B 567 9.33 5.60 34.07
C ASN B 567 10.22 6.47 33.19
N ARG B 568 9.63 7.50 32.55
CA ARG B 568 10.37 8.46 31.73
C ARG B 568 11.33 9.22 32.64
N ASN B 569 10.83 9.70 33.79
CA ASN B 569 11.60 10.43 34.78
C ASN B 569 12.68 9.55 35.38
N TRP B 570 12.40 8.24 35.52
CA TRP B 570 13.39 7.30 36.06
C TRP B 570 14.53 7.13 35.08
N TYR B 571 14.23 6.88 33.79
CA TYR B 571 15.28 6.73 32.80
C TYR B 571 16.05 8.03 32.61
N GLN B 572 15.37 9.18 32.77
CA GLN B 572 15.97 10.52 32.69
C GLN B 572 17.03 10.62 33.79
N ALA B 573 16.67 10.19 35.01
CA ALA B 573 17.54 10.19 36.18
C ALA B 573 18.72 9.18 36.07
N MET B 574 18.72 8.32 35.06
CA MET B 574 19.79 7.33 34.89
C MET B 574 20.87 7.74 33.88
N ILE B 575 20.59 8.80 33.08
CA ILE B 575 21.53 9.33 32.09
C ILE B 575 22.82 9.81 32.81
N PRO B 576 24.00 9.20 32.51
CA PRO B 576 25.24 9.59 33.22
C PRO B 576 25.78 11.00 32.91
#